data_1XLI
#
_entry.id   1XLI
#
_cell.length_a   105.800
_cell.length_b   105.800
_cell.length_c   153.200
_cell.angle_alpha   90.00
_cell.angle_beta   90.00
_cell.angle_gamma   120.00
#
_symmetry.space_group_name_H-M   'P 31 2 1'
#
loop_
_entity.id
_entity.type
_entity.pdbx_description
1 polymer 'D-XYLOSE ISOMERASE'
2 non-polymer 5-thio-alpha-D-glucopyranose
3 non-polymer 'MANGANESE (II) ION'
4 water water
#
_entity_poly.entity_id   1
_entity_poly.type   'polypeptide(L)'
_entity_poly.pdbx_seq_one_letter_code
;SVQPTPADHFTFGLWTVGWTGADPFGVATRKNLDPVEAVHKLAELGAYGITFHDNDLIPFDATEAEREKILGDFNQALKD
TGLKVPMVTTNLFSHPVFKDGGFTSNDRSIRRFALAKVLHNIDLAAEMGAETFVMWGGREGSEYDGSKDLAAALDRMREG
VDTAAGYIKDKGYNLRIALEPKPNEPRGDIFLPTVGHGLAFIEQLEHGDIVGLNPETGHEQMAGLNFTHGIAQALWAEKL
FHIDLNGQRGIKYDQDLVFGHGDLTSAFFTVDLLENGFPNGGPKYTGPRHFDYKPSRTDGYDGVWDSAKANMSMYLLLKE
RALAFRADPEVQEAMKTSGVFELGETTLNAGESAADLMNDSASFAGFDAEAAAERNFAFIRLNQLAIEHLLGSR
;
_entity_poly.pdbx_strand_id   A,B
#
loop_
_chem_comp.id
_chem_comp.type
_chem_comp.name
_chem_comp.formula
GLT D-saccharide, alpha linking 5-thio-alpha-D-glucopyranose 'C6 H12 O5 S'
MN non-polymer 'MANGANESE (II) ION' 'Mn 2'
#
# COMPACT_ATOMS: atom_id res chain seq x y z
N VAL A 2 -10.23 -6.56 -23.72
CA VAL A 2 -10.11 -5.12 -23.46
C VAL A 2 -9.08 -4.52 -24.42
N GLN A 3 -9.62 -3.65 -25.25
CA GLN A 3 -8.87 -2.91 -26.28
C GLN A 3 -9.30 -1.46 -26.24
N PRO A 4 -8.33 -0.58 -26.03
CA PRO A 4 -8.68 0.85 -25.92
C PRO A 4 -8.98 1.42 -27.27
N THR A 5 -9.91 2.34 -27.30
CA THR A 5 -10.26 3.08 -28.52
C THR A 5 -10.11 4.52 -28.08
N PRO A 6 -9.88 5.49 -28.97
CA PRO A 6 -9.79 6.92 -28.65
C PRO A 6 -10.92 7.48 -27.84
N ALA A 7 -12.09 6.95 -27.74
CA ALA A 7 -13.32 7.09 -27.04
C ALA A 7 -13.17 6.97 -25.51
N ASP A 8 -12.21 6.20 -25.09
CA ASP A 8 -11.66 5.89 -23.83
C ASP A 8 -10.93 7.12 -23.29
N HIS A 9 -10.29 7.95 -24.11
CA HIS A 9 -9.63 9.15 -23.67
C HIS A 9 -8.33 8.97 -22.90
N PHE A 10 -7.57 7.99 -23.33
CA PHE A 10 -6.27 7.70 -22.70
C PHE A 10 -5.30 8.72 -23.23
N THR A 11 -4.62 9.47 -22.39
CA THR A 11 -3.64 10.49 -22.86
C THR A 11 -2.36 10.11 -22.17
N PHE A 12 -1.21 10.35 -22.75
CA PHE A 12 0.13 10.03 -22.26
C PHE A 12 1.05 11.24 -22.42
N GLY A 13 1.89 11.39 -21.42
CA GLY A 13 2.83 12.53 -21.47
C GLY A 13 3.91 12.06 -22.41
N LEU A 14 4.53 12.98 -23.12
CA LEU A 14 5.70 12.62 -23.98
C LEU A 14 6.87 12.13 -23.18
N TRP A 15 7.10 12.72 -22.01
CA TRP A 15 8.13 12.39 -21.04
C TRP A 15 7.96 11.02 -20.42
N THR A 16 6.81 10.38 -20.44
CA THR A 16 6.51 9.08 -19.85
C THR A 16 7.16 7.99 -20.64
N VAL A 17 6.74 7.64 -21.85
CA VAL A 17 7.36 6.65 -22.74
C VAL A 17 8.76 7.08 -23.18
N GLY A 18 9.02 8.38 -23.22
CA GLY A 18 10.22 9.08 -23.50
C GLY A 18 11.21 9.02 -22.34
N TRP A 19 10.85 8.55 -21.14
CA TRP A 19 11.79 8.46 -20.05
C TRP A 19 12.91 7.48 -20.42
N THR A 20 14.06 8.03 -20.36
CA THR A 20 15.40 7.51 -20.65
C THR A 20 16.02 6.61 -19.67
N GLY A 21 15.54 6.64 -18.40
CA GLY A 21 16.05 5.74 -17.39
C GLY A 21 17.04 6.33 -16.44
N ALA A 22 17.47 7.54 -16.63
CA ALA A 22 18.44 8.18 -15.71
C ALA A 22 17.67 8.41 -14.42
N ASP A 23 18.34 8.09 -13.33
CA ASP A 23 17.69 8.33 -11.98
C ASP A 23 18.80 8.99 -11.22
N PRO A 24 18.67 9.19 -9.92
CA PRO A 24 19.72 9.80 -9.09
C PRO A 24 20.99 8.97 -9.03
N PHE A 25 20.97 7.64 -9.05
CA PHE A 25 22.13 6.78 -8.96
C PHE A 25 22.69 6.28 -10.25
N GLY A 26 22.21 6.68 -11.40
CA GLY A 26 22.72 6.17 -12.68
C GLY A 26 22.15 6.83 -13.92
N VAL A 27 22.89 6.55 -15.00
CA VAL A 27 22.61 7.10 -16.36
C VAL A 27 21.47 6.42 -17.09
N ALA A 28 21.08 7.04 -18.17
CA ALA A 28 20.01 6.56 -19.03
C ALA A 28 20.22 5.14 -19.48
N THR A 29 19.16 4.36 -19.67
CA THR A 29 19.38 2.96 -20.15
C THR A 29 18.82 2.77 -21.53
N ARG A 30 18.13 3.76 -22.04
CA ARG A 30 17.45 3.85 -23.31
C ARG A 30 17.86 5.14 -24.06
N LYS A 31 17.86 4.99 -25.40
CA LYS A 31 18.19 6.12 -26.30
C LYS A 31 17.04 7.13 -26.26
N ASN A 32 17.23 8.39 -26.59
CA ASN A 32 16.18 9.36 -26.60
C ASN A 32 15.12 8.94 -27.61
N LEU A 33 13.89 9.27 -27.35
CA LEU A 33 12.75 8.97 -28.19
C LEU A 33 12.40 10.14 -29.12
N ASP A 34 12.36 9.93 -30.43
CA ASP A 34 11.93 11.03 -31.31
C ASP A 34 10.46 11.19 -30.98
N PRO A 35 10.02 12.45 -30.80
CA PRO A 35 8.63 12.77 -30.48
C PRO A 35 7.62 12.36 -31.53
N VAL A 36 8.03 12.40 -32.79
CA VAL A 36 7.32 12.03 -33.96
C VAL A 36 6.96 10.55 -33.81
N GLU A 37 7.97 9.77 -33.47
CA GLU A 37 7.84 8.35 -33.19
C GLU A 37 6.94 8.06 -31.99
N ALA A 38 6.99 8.80 -30.88
CA ALA A 38 6.13 8.66 -29.73
C ALA A 38 4.66 8.72 -30.17
N VAL A 39 4.33 9.75 -30.92
CA VAL A 39 3.04 10.08 -31.51
C VAL A 39 2.45 8.92 -32.31
N HIS A 40 3.18 8.45 -33.27
CA HIS A 40 2.82 7.32 -34.14
C HIS A 40 2.63 6.08 -33.31
N LYS A 41 3.56 5.75 -32.45
CA LYS A 41 3.43 4.60 -31.58
C LYS A 41 2.20 4.64 -30.68
N LEU A 42 1.95 5.77 -30.01
CA LEU A 42 0.81 5.93 -29.09
C LEU A 42 -0.52 5.85 -29.85
N ALA A 43 -0.58 6.39 -31.03
CA ALA A 43 -1.68 6.36 -31.97
C ALA A 43 -1.99 4.89 -32.31
N GLU A 44 -1.07 4.01 -32.59
CA GLU A 44 -1.27 2.61 -32.87
C GLU A 44 -1.72 1.87 -31.61
N LEU A 45 -1.38 2.25 -30.38
CA LEU A 45 -1.83 1.60 -29.16
C LEU A 45 -3.24 1.99 -28.80
N GLY A 46 -3.82 3.05 -29.26
CA GLY A 46 -5.22 3.43 -28.94
C GLY A 46 -5.31 4.70 -28.13
N ALA A 47 -4.16 5.36 -28.06
CA ALA A 47 -4.16 6.63 -27.30
C ALA A 47 -5.10 7.58 -28.05
N TYR A 48 -5.67 8.43 -27.29
CA TYR A 48 -6.58 9.48 -27.67
C TYR A 48 -5.70 10.72 -27.87
N GLY A 49 -4.76 10.99 -26.98
CA GLY A 49 -3.99 12.19 -27.15
C GLY A 49 -2.66 12.12 -26.41
N ILE A 50 -1.91 13.20 -26.61
CA ILE A 50 -0.56 13.32 -26.00
C ILE A 50 -0.41 14.66 -25.31
N THR A 51 0.44 14.71 -24.30
CA THR A 51 0.69 15.91 -23.52
C THR A 51 2.23 16.06 -23.47
N PHE A 52 2.68 17.29 -23.20
CA PHE A 52 4.11 17.54 -23.17
C PHE A 52 4.39 18.77 -22.33
N HIS A 53 5.68 18.86 -22.04
CA HIS A 53 6.32 19.97 -21.35
C HIS A 53 7.02 20.76 -22.50
N ASP A 54 6.99 22.06 -22.46
CA ASP A 54 7.69 22.93 -23.44
C ASP A 54 9.06 22.32 -23.75
N ASN A 55 9.97 22.04 -22.82
CA ASN A 55 11.28 21.48 -23.11
C ASN A 55 11.40 20.03 -23.52
N ASP A 56 10.32 19.25 -23.52
CA ASP A 56 10.21 17.90 -23.99
C ASP A 56 10.29 18.00 -25.54
N LEU A 57 9.69 19.00 -26.12
CA LEU A 57 9.66 19.25 -27.52
C LEU A 57 10.77 20.19 -28.01
N ILE A 58 10.72 21.36 -27.48
CA ILE A 58 11.62 22.46 -27.79
C ILE A 58 12.69 22.66 -26.73
N PRO A 59 13.92 22.37 -27.15
CA PRO A 59 15.10 22.51 -26.29
C PRO A 59 15.16 23.89 -25.71
N PHE A 60 15.79 24.10 -24.59
CA PHE A 60 15.95 25.35 -23.85
C PHE A 60 16.58 26.43 -24.71
N ASP A 61 17.66 26.03 -25.36
CA ASP A 61 18.47 26.85 -26.26
C ASP A 61 18.05 26.78 -27.75
N ALA A 62 16.91 26.29 -28.15
CA ALA A 62 16.53 26.20 -29.55
C ALA A 62 16.53 27.54 -30.24
N THR A 63 17.02 27.64 -31.47
CA THR A 63 16.97 28.90 -32.26
C THR A 63 15.57 28.98 -32.82
N GLU A 64 15.12 30.05 -33.48
CA GLU A 64 13.74 30.08 -34.01
C GLU A 64 13.51 29.14 -35.18
N ALA A 65 14.50 28.97 -36.05
CA ALA A 65 14.44 28.07 -37.22
C ALA A 65 14.22 26.70 -36.57
N GLU A 66 15.05 26.21 -35.68
CA GLU A 66 14.81 24.92 -34.99
C GLU A 66 13.47 24.75 -34.33
N ARG A 67 12.95 25.71 -33.59
CA ARG A 67 11.65 25.69 -32.94
C ARG A 67 10.54 25.50 -33.95
N GLU A 68 10.62 26.17 -35.07
CA GLU A 68 9.67 26.10 -36.17
C GLU A 68 9.58 24.71 -36.79
N LYS A 69 10.77 24.14 -37.04
CA LYS A 69 10.99 22.81 -37.58
C LYS A 69 10.30 21.72 -36.76
N ILE A 70 10.77 21.69 -35.47
CA ILE A 70 10.28 20.77 -34.45
C ILE A 70 8.78 20.87 -34.37
N LEU A 71 8.19 22.05 -34.23
CA LEU A 71 6.73 22.22 -34.18
C LEU A 71 6.07 21.75 -35.45
N GLY A 72 6.68 21.99 -36.60
CA GLY A 72 6.26 21.54 -37.92
C GLY A 72 6.18 20.02 -37.95
N ASP A 73 7.24 19.38 -37.46
CA ASP A 73 7.31 17.93 -37.36
C ASP A 73 6.23 17.35 -36.43
N PHE A 74 6.03 17.97 -35.28
CA PHE A 74 5.08 17.48 -34.27
C PHE A 74 3.67 17.78 -34.73
N ASN A 75 3.39 18.92 -35.35
CA ASN A 75 2.03 19.14 -35.88
C ASN A 75 1.73 18.17 -36.99
N GLN A 76 2.68 17.81 -37.85
CA GLN A 76 2.55 16.89 -38.93
C GLN A 76 2.09 15.53 -38.40
N ALA A 77 2.79 14.98 -37.43
CA ALA A 77 2.53 13.72 -36.73
C ALA A 77 1.13 13.72 -36.18
N LEU A 78 0.70 14.76 -35.48
CA LEU A 78 -0.63 14.89 -34.95
C LEU A 78 -1.66 14.82 -36.07
N LYS A 79 -1.40 15.60 -37.15
CA LYS A 79 -2.30 15.65 -38.31
C LYS A 79 -2.39 14.27 -38.91
N ASP A 80 -1.28 13.60 -39.13
CA ASP A 80 -1.30 12.25 -39.68
C ASP A 80 -2.07 11.26 -38.83
N THR A 81 -1.84 11.24 -37.53
CA THR A 81 -2.43 10.27 -36.63
C THR A 81 -3.78 10.59 -36.06
N GLY A 82 -4.10 11.85 -35.93
CA GLY A 82 -5.36 12.22 -35.33
C GLY A 82 -5.24 12.46 -33.84
N LEU A 83 -4.06 12.40 -33.24
CA LEU A 83 -3.97 12.60 -31.80
C LEU A 83 -4.28 14.02 -31.43
N LYS A 84 -5.01 14.25 -30.37
CA LYS A 84 -5.33 15.56 -29.77
C LYS A 84 -4.20 15.86 -28.77
N VAL A 85 -4.05 17.05 -28.26
CA VAL A 85 -3.16 17.62 -27.28
C VAL A 85 -4.04 18.40 -26.24
N PRO A 86 -4.57 17.63 -25.26
CA PRO A 86 -5.45 18.14 -24.24
C PRO A 86 -4.80 18.92 -23.13
N MET A 87 -3.51 18.70 -22.88
CA MET A 87 -2.84 19.43 -21.75
C MET A 87 -1.42 19.75 -22.16
N VAL A 88 -0.88 20.86 -21.74
CA VAL A 88 0.51 21.28 -22.03
C VAL A 88 1.01 21.71 -20.62
N THR A 89 2.29 21.67 -20.39
CA THR A 89 2.85 22.05 -19.08
C THR A 89 4.22 22.66 -19.25
N THR A 90 4.78 23.37 -18.31
CA THR A 90 6.06 24.03 -18.46
C THR A 90 7.11 23.34 -17.61
N ASN A 91 8.38 23.29 -18.06
CA ASN A 91 9.43 22.73 -17.23
C ASN A 91 10.02 23.94 -16.46
N LEU A 92 9.74 24.00 -15.19
CA LEU A 92 10.29 25.00 -14.27
C LEU A 92 11.17 24.25 -13.26
N PHE A 93 11.82 23.14 -13.65
CA PHE A 93 12.62 22.38 -12.71
C PHE A 93 13.98 21.87 -13.15
N SER A 94 14.20 21.62 -14.42
CA SER A 94 15.45 21.08 -14.89
C SER A 94 16.65 21.99 -15.02
N HIS A 95 16.54 23.17 -15.55
CA HIS A 95 17.74 24.02 -15.74
C HIS A 95 18.23 24.34 -14.36
N PRO A 96 19.54 24.50 -14.12
CA PRO A 96 20.12 24.91 -12.84
C PRO A 96 19.58 26.22 -12.39
N VAL A 97 19.11 27.21 -13.16
CA VAL A 97 18.47 28.43 -12.76
C VAL A 97 17.29 28.21 -11.80
N PHE A 98 16.53 27.12 -11.95
CA PHE A 98 15.36 26.80 -11.17
C PHE A 98 15.67 25.99 -9.92
N LYS A 99 16.89 25.96 -9.41
CA LYS A 99 17.33 25.25 -8.24
C LYS A 99 16.62 25.67 -6.96
N ASP A 100 16.06 26.88 -6.83
CA ASP A 100 15.31 27.32 -5.69
C ASP A 100 13.86 27.55 -6.13
N GLY A 101 13.47 27.04 -7.30
CA GLY A 101 12.08 27.23 -7.79
C GLY A 101 12.00 28.23 -8.94
N GLY A 102 10.79 28.39 -9.43
CA GLY A 102 10.56 29.35 -10.53
C GLY A 102 9.82 30.48 -9.85
N PHE A 103 8.51 30.28 -9.72
CA PHE A 103 7.58 31.23 -9.10
C PHE A 103 7.99 31.66 -7.66
N THR A 104 8.47 30.73 -6.84
CA THR A 104 8.84 31.08 -5.50
C THR A 104 10.34 31.08 -5.23
N SER A 105 11.16 31.25 -6.23
CA SER A 105 12.61 31.41 -6.03
C SER A 105 12.80 32.66 -5.17
N ASN A 106 13.83 32.78 -4.38
CA ASN A 106 14.27 33.85 -3.52
C ASN A 106 14.76 35.00 -4.43
N ASP A 107 15.42 34.67 -5.53
CA ASP A 107 15.88 35.63 -6.53
C ASP A 107 14.71 36.11 -7.41
N ARG A 108 14.49 37.46 -7.39
CA ARG A 108 13.44 38.12 -8.17
C ARG A 108 13.56 38.03 -9.68
N SER A 109 14.78 38.06 -10.19
CA SER A 109 15.05 37.99 -11.64
C SER A 109 14.61 36.62 -12.10
N ILE A 110 14.99 35.58 -11.31
CA ILE A 110 14.53 34.22 -11.63
C ILE A 110 13.00 34.10 -11.58
N ARG A 111 12.30 34.69 -10.63
CA ARG A 111 10.84 34.62 -10.60
C ARG A 111 10.24 35.22 -11.85
N ARG A 112 10.78 36.34 -12.36
CA ARG A 112 10.30 37.06 -13.57
C ARG A 112 10.56 36.23 -14.82
N PHE A 113 11.76 35.65 -14.91
CA PHE A 113 12.08 34.75 -16.01
C PHE A 113 11.12 33.57 -15.98
N ALA A 114 10.87 32.96 -14.80
CA ALA A 114 9.94 31.84 -14.71
C ALA A 114 8.53 32.16 -15.12
N LEU A 115 8.01 33.31 -14.73
CA LEU A 115 6.64 33.76 -15.13
C LEU A 115 6.58 34.05 -16.63
N ALA A 116 7.61 34.65 -17.21
CA ALA A 116 7.74 34.91 -18.65
C ALA A 116 7.69 33.60 -19.43
N LYS A 117 8.44 32.58 -18.99
CA LYS A 117 8.51 31.23 -19.56
C LYS A 117 7.14 30.60 -19.57
N VAL A 118 6.31 30.75 -18.56
CA VAL A 118 4.94 30.28 -18.42
C VAL A 118 4.04 31.02 -19.40
N LEU A 119 4.06 32.33 -19.42
CA LEU A 119 3.24 33.15 -20.36
C LEU A 119 3.42 32.73 -21.79
N HIS A 120 4.66 32.58 -22.30
CA HIS A 120 4.95 32.12 -23.66
C HIS A 120 4.33 30.78 -23.85
N ASN A 121 4.53 29.83 -22.91
CA ASN A 121 3.96 28.49 -22.90
C ASN A 121 2.43 28.49 -22.94
N ILE A 122 1.72 29.44 -22.41
CA ILE A 122 0.27 29.56 -22.50
C ILE A 122 -0.13 29.84 -23.94
N ASP A 123 0.60 30.69 -24.67
CA ASP A 123 0.37 30.95 -26.10
C ASP A 123 0.42 29.63 -26.87
N LEU A 124 1.56 28.95 -26.70
CA LEU A 124 1.78 27.62 -27.30
C LEU A 124 0.63 26.71 -26.97
N ALA A 125 0.23 26.55 -25.71
CA ALA A 125 -0.89 25.68 -25.29
C ALA A 125 -2.14 25.99 -26.06
N ALA A 126 -2.52 27.24 -26.14
CA ALA A 126 -3.60 27.83 -26.88
C ALA A 126 -3.42 27.44 -28.34
N GLU A 127 -2.27 27.58 -28.99
CA GLU A 127 -1.98 27.17 -30.36
C GLU A 127 -2.15 25.67 -30.55
N MET A 128 -1.78 24.79 -29.66
CA MET A 128 -1.98 23.37 -29.81
C MET A 128 -3.38 22.87 -29.58
N GLY A 129 -4.29 23.68 -29.08
CA GLY A 129 -5.69 23.38 -28.79
C GLY A 129 -5.83 22.73 -27.42
N ALA A 130 -4.93 22.88 -26.47
CA ALA A 130 -5.10 22.25 -25.16
C ALA A 130 -6.24 22.88 -24.43
N GLU A 131 -6.97 22.22 -23.54
CA GLU A 131 -8.05 22.69 -22.69
C GLU A 131 -7.45 22.99 -21.30
N THR A 132 -6.39 22.24 -20.94
CA THR A 132 -5.71 22.35 -19.68
C THR A 132 -4.24 22.68 -19.76
N PHE A 133 -3.89 23.55 -18.80
CA PHE A 133 -2.51 24.02 -18.54
C PHE A 133 -2.10 23.61 -17.11
N VAL A 134 -1.17 22.68 -16.94
CA VAL A 134 -0.76 22.17 -15.65
C VAL A 134 0.46 22.89 -15.13
N MET A 135 0.39 23.20 -13.82
CA MET A 135 1.56 23.75 -13.11
C MET A 135 1.94 22.79 -11.96
N TRP A 136 3.13 22.26 -12.09
CA TRP A 136 3.73 21.36 -11.08
C TRP A 136 4.87 22.17 -10.46
N GLY A 137 4.74 22.63 -9.24
CA GLY A 137 5.77 23.42 -8.58
C GLY A 137 6.76 22.56 -7.81
N GLY A 138 7.53 21.70 -8.43
CA GLY A 138 8.50 20.76 -8.00
C GLY A 138 9.75 21.28 -7.36
N ARG A 139 10.13 22.51 -7.73
CA ARG A 139 11.30 23.12 -7.08
C ARG A 139 10.85 24.14 -6.06
N GLU A 140 9.57 24.34 -5.87
CA GLU A 140 9.02 25.30 -4.90
C GLU A 140 8.96 24.71 -3.51
N GLY A 141 9.86 25.12 -2.62
CA GLY A 141 9.86 24.56 -1.27
C GLY A 141 11.24 24.71 -0.67
N SER A 142 11.62 23.82 0.24
CA SER A 142 12.95 24.00 0.88
C SER A 142 13.42 22.71 1.50
N GLU A 143 14.70 22.65 1.90
CA GLU A 143 15.27 21.49 2.57
C GLU A 143 15.31 21.79 4.05
N TYR A 144 15.40 23.12 4.36
CA TYR A 144 15.57 23.70 5.68
C TYR A 144 14.47 24.72 5.97
N ASP A 145 14.03 24.75 7.25
CA ASP A 145 12.92 25.65 7.68
C ASP A 145 13.21 27.13 7.69
N GLY A 146 14.44 27.61 7.78
CA GLY A 146 14.67 29.03 7.76
C GLY A 146 14.97 29.60 6.38
N SER A 147 14.97 28.81 5.34
CA SER A 147 15.27 29.18 3.98
C SER A 147 14.32 30.17 3.30
N LYS A 148 13.07 30.19 3.69
CA LYS A 148 12.00 30.92 3.16
C LYS A 148 11.17 31.67 4.19
N ASP A 149 10.56 32.72 3.69
CA ASP A 149 9.55 33.52 4.38
C ASP A 149 8.31 32.84 3.68
N LEU A 150 7.64 32.05 4.48
CA LEU A 150 6.52 31.25 4.09
C LEU A 150 5.29 31.96 3.67
N ALA A 151 5.01 33.15 4.25
CA ALA A 151 3.86 33.97 3.86
C ALA A 151 4.19 34.58 2.51
N ALA A 152 5.45 35.04 2.38
CA ALA A 152 5.94 35.61 1.11
C ALA A 152 6.03 34.54 0.05
N ALA A 153 6.35 33.26 0.33
CA ALA A 153 6.35 32.21 -0.70
C ALA A 153 4.95 32.02 -1.28
N LEU A 154 3.88 32.06 -0.47
CA LEU A 154 2.48 31.94 -0.95
C LEU A 154 2.04 33.14 -1.71
N ASP A 155 2.45 34.38 -1.36
CA ASP A 155 2.10 35.58 -2.13
C ASP A 155 2.76 35.49 -3.53
N ARG A 156 4.04 35.06 -3.53
CA ARG A 156 4.78 34.90 -4.79
C ARG A 156 4.13 33.84 -5.66
N MET A 157 3.68 32.71 -5.13
CA MET A 157 2.94 31.67 -5.85
C MET A 157 1.64 32.27 -6.39
N ARG A 158 0.92 33.02 -5.53
CA ARG A 158 -0.33 33.66 -5.90
C ARG A 158 -0.14 34.61 -7.08
N GLU A 159 0.86 35.49 -7.00
CA GLU A 159 1.20 36.46 -8.03
C GLU A 159 1.40 35.78 -9.37
N GLY A 160 2.25 34.74 -9.40
CA GLY A 160 2.47 34.04 -10.65
C GLY A 160 1.25 33.38 -11.22
N VAL A 161 0.46 32.66 -10.44
CA VAL A 161 -0.73 31.93 -10.87
C VAL A 161 -1.80 32.92 -11.25
N ASP A 162 -2.01 34.01 -10.57
CA ASP A 162 -3.03 35.03 -10.90
C ASP A 162 -2.65 35.78 -12.17
N THR A 163 -1.35 36.05 -12.39
CA THR A 163 -0.90 36.68 -13.65
C THR A 163 -1.19 35.79 -14.87
N ALA A 164 -0.92 34.51 -14.80
CA ALA A 164 -1.13 33.50 -15.81
C ALA A 164 -2.61 33.35 -16.12
N ALA A 165 -3.42 33.33 -15.08
CA ALA A 165 -4.88 33.24 -15.13
C ALA A 165 -5.44 34.54 -15.74
N GLY A 166 -4.94 35.70 -15.29
CA GLY A 166 -5.32 37.02 -15.78
C GLY A 166 -4.99 37.08 -17.28
N TYR A 167 -3.79 36.74 -17.70
CA TYR A 167 -3.39 36.67 -19.08
C TYR A 167 -4.36 35.76 -19.83
N ILE A 168 -4.69 34.54 -19.43
CA ILE A 168 -5.63 33.66 -20.13
C ILE A 168 -6.92 34.39 -20.49
N LYS A 169 -7.60 34.93 -19.50
CA LYS A 169 -8.86 35.68 -19.60
C LYS A 169 -8.63 36.84 -20.55
N ASP A 170 -7.59 37.65 -20.40
CA ASP A 170 -7.23 38.73 -21.27
C ASP A 170 -7.14 38.32 -22.75
N LYS A 171 -6.58 37.21 -23.09
CA LYS A 171 -6.43 36.70 -24.40
C LYS A 171 -7.62 35.93 -24.89
N GLY A 172 -8.61 35.61 -24.08
CA GLY A 172 -9.75 34.82 -24.48
C GLY A 172 -9.48 33.34 -24.83
N TYR A 173 -8.43 32.74 -24.25
CA TYR A 173 -8.10 31.35 -24.46
C TYR A 173 -9.07 30.47 -23.70
N ASN A 174 -9.39 29.29 -24.24
CA ASN A 174 -10.28 28.32 -23.57
C ASN A 174 -9.30 27.32 -22.89
N LEU A 175 -8.78 27.79 -21.78
CA LEU A 175 -7.80 27.17 -20.98
C LEU A 175 -8.04 27.36 -19.48
N ARG A 176 -7.89 26.26 -18.80
CA ARG A 176 -8.00 26.27 -17.33
C ARG A 176 -6.62 25.81 -16.82
N ILE A 177 -6.18 26.27 -15.67
CA ILE A 177 -4.96 25.94 -14.99
C ILE A 177 -5.25 24.83 -13.96
N ALA A 178 -4.38 23.85 -13.96
CA ALA A 178 -4.56 22.74 -13.00
C ALA A 178 -3.28 22.69 -12.19
N LEU A 179 -3.35 22.84 -10.88
CA LEU A 179 -2.17 22.77 -10.02
C LEU A 179 -2.00 21.27 -9.62
N GLU A 180 -0.72 20.92 -9.54
CA GLU A 180 -0.42 19.54 -9.18
C GLU A 180 0.53 19.45 -7.96
N PRO A 181 -0.12 18.92 -6.89
CA PRO A 181 0.54 18.74 -5.61
C PRO A 181 1.46 17.50 -5.71
N LYS A 182 2.48 17.60 -4.87
CA LYS A 182 3.54 16.67 -4.62
C LYS A 182 4.05 17.20 -3.28
N PRO A 183 4.21 16.29 -2.30
CA PRO A 183 4.67 16.66 -0.98
C PRO A 183 6.15 16.89 -0.74
N ASN A 184 6.97 16.17 -1.45
CA ASN A 184 8.45 16.20 -1.37
C ASN A 184 9.02 15.61 -2.68
N GLU A 185 10.31 15.78 -2.91
CA GLU A 185 11.10 15.31 -4.06
C GLU A 185 10.78 16.06 -5.33
N PRO A 186 11.65 16.95 -5.86
CA PRO A 186 13.01 17.13 -5.37
C PRO A 186 13.36 17.93 -4.17
N ARG A 187 12.48 18.72 -3.67
CA ARG A 187 12.78 19.53 -2.47
C ARG A 187 12.41 18.63 -1.32
N GLY A 188 12.94 18.96 -0.16
CA GLY A 188 12.64 18.18 1.07
C GLY A 188 11.18 18.37 1.43
N ASP A 189 10.58 19.55 1.25
CA ASP A 189 9.21 19.90 1.54
C ASP A 189 8.79 20.76 0.36
N ILE A 190 7.70 20.39 -0.27
CA ILE A 190 7.24 21.22 -1.43
C ILE A 190 5.98 22.01 -0.97
N PHE A 191 5.82 23.23 -1.48
CA PHE A 191 4.62 23.98 -1.05
C PHE A 191 3.42 23.36 -1.76
N LEU A 192 2.26 23.47 -1.11
CA LEU A 192 0.96 22.91 -1.57
C LEU A 192 1.19 21.43 -1.82
N PRO A 193 1.49 20.73 -0.74
CA PRO A 193 1.89 19.31 -0.82
C PRO A 193 0.88 18.26 -1.08
N THR A 194 -0.39 18.50 -0.90
CA THR A 194 -1.48 17.55 -1.05
C THR A 194 -2.65 18.20 -1.76
N VAL A 195 -3.64 17.43 -2.20
CA VAL A 195 -4.86 17.97 -2.79
C VAL A 195 -5.48 19.04 -1.88
N GLY A 196 -5.64 18.82 -0.57
CA GLY A 196 -6.22 19.73 0.35
C GLY A 196 -5.60 21.11 0.25
N HIS A 197 -4.30 21.26 0.35
CA HIS A 197 -3.50 22.48 0.29
C HIS A 197 -3.65 23.18 -1.06
N GLY A 198 -3.70 22.37 -2.15
CA GLY A 198 -3.94 22.81 -3.50
C GLY A 198 -5.31 23.52 -3.53
N LEU A 199 -6.36 22.84 -3.06
CA LEU A 199 -7.72 23.44 -3.01
C LEU A 199 -7.80 24.71 -2.17
N ALA A 200 -7.19 24.68 -0.99
CA ALA A 200 -7.19 25.80 -0.07
C ALA A 200 -6.52 26.99 -0.74
N PHE A 201 -5.36 26.81 -1.38
CA PHE A 201 -4.68 27.95 -2.03
C PHE A 201 -5.51 28.60 -3.12
N ILE A 202 -6.18 27.82 -3.96
CA ILE A 202 -7.05 28.23 -5.03
C ILE A 202 -8.07 29.22 -4.52
N GLU A 203 -8.71 29.08 -3.37
CA GLU A 203 -9.64 30.01 -2.77
C GLU A 203 -9.08 31.35 -2.42
N GLN A 204 -7.84 31.68 -2.41
CA GLN A 204 -7.20 32.95 -2.14
C GLN A 204 -6.76 33.65 -3.43
N LEU A 205 -7.06 33.05 -4.55
CA LEU A 205 -6.67 33.59 -5.85
C LEU A 205 -7.69 34.63 -6.36
N GLU A 206 -7.16 35.67 -7.03
CA GLU A 206 -8.08 36.64 -7.65
C GLU A 206 -8.80 35.87 -8.77
N HIS A 207 -8.12 35.06 -9.60
CA HIS A 207 -8.80 34.34 -10.66
C HIS A 207 -8.93 32.86 -10.45
N GLY A 208 -9.43 32.41 -9.32
CA GLY A 208 -9.65 31.04 -8.92
C GLY A 208 -10.69 30.28 -9.66
N ASP A 209 -11.61 30.94 -10.36
CA ASP A 209 -12.67 30.37 -11.15
C ASP A 209 -12.12 29.49 -12.25
N ILE A 210 -11.01 29.77 -12.89
CA ILE A 210 -10.42 28.95 -13.93
C ILE A 210 -9.18 28.22 -13.41
N VAL A 211 -8.99 28.11 -12.10
CA VAL A 211 -7.84 27.42 -11.50
C VAL A 211 -8.41 26.23 -10.70
N GLY A 212 -7.89 25.06 -11.01
CA GLY A 212 -8.33 23.78 -10.42
C GLY A 212 -7.18 22.84 -10.12
N LEU A 213 -7.50 21.57 -9.97
CA LEU A 213 -6.45 20.58 -9.62
C LEU A 213 -6.11 19.51 -10.65
N ASN A 214 -4.88 18.97 -10.52
CA ASN A 214 -4.37 17.85 -11.34
C ASN A 214 -3.73 16.89 -10.32
N PRO A 215 -4.55 16.13 -9.61
CA PRO A 215 -3.97 15.25 -8.54
C PRO A 215 -3.26 14.07 -9.19
N GLU A 216 -2.26 13.52 -8.56
CA GLU A 216 -1.56 12.35 -9.12
C GLU A 216 -1.64 11.24 -8.08
N THR A 217 -2.03 10.03 -8.48
CA THR A 217 -2.15 8.88 -7.60
C THR A 217 -1.02 8.74 -6.62
N GLY A 218 0.19 8.56 -7.10
CA GLY A 218 1.42 8.37 -6.36
C GLY A 218 1.83 9.48 -5.41
N HIS A 219 1.55 10.69 -5.81
CA HIS A 219 1.88 11.87 -5.00
C HIS A 219 1.09 11.91 -3.71
N GLU A 220 -0.21 11.66 -3.72
CA GLU A 220 -1.00 11.61 -2.50
C GLU A 220 -0.60 10.41 -1.67
N GLN A 221 -0.27 9.28 -2.26
CA GLN A 221 0.21 8.08 -1.56
C GLN A 221 1.57 8.29 -0.94
N MET A 222 2.44 9.21 -1.31
CA MET A 222 3.69 9.66 -0.83
C MET A 222 3.58 10.32 0.55
N ALA A 223 2.43 10.75 1.02
CA ALA A 223 2.09 11.30 2.29
C ALA A 223 1.17 10.32 3.03
N GLY A 224 0.91 9.13 2.50
CA GLY A 224 0.07 8.08 3.02
C GLY A 224 -1.42 8.41 2.93
N LEU A 225 -1.92 9.32 2.10
CA LEU A 225 -3.33 9.66 2.04
C LEU A 225 -4.04 8.70 1.12
N ASN A 226 -5.34 8.78 1.18
CA ASN A 226 -6.25 7.95 0.33
C ASN A 226 -6.59 8.78 -0.90
N PHE A 227 -6.07 8.36 -2.04
CA PHE A 227 -6.21 8.95 -3.34
C PHE A 227 -7.70 9.11 -3.67
N THR A 228 -8.48 8.06 -3.60
CA THR A 228 -9.92 8.15 -3.79
C THR A 228 -10.55 9.22 -2.90
N HIS A 229 -10.30 9.41 -1.61
CA HIS A 229 -10.83 10.45 -0.73
C HIS A 229 -10.42 11.84 -1.18
N GLY A 230 -9.20 12.05 -1.58
CA GLY A 230 -8.62 13.32 -2.05
C GLY A 230 -9.27 13.69 -3.35
N ILE A 231 -9.41 12.81 -4.35
CA ILE A 231 -10.10 13.26 -5.58
C ILE A 231 -11.58 13.45 -5.36
N ALA A 232 -12.22 12.84 -4.39
CA ALA A 232 -13.60 12.95 -4.00
C ALA A 232 -13.75 14.36 -3.44
N GLN A 233 -12.81 14.86 -2.65
CA GLN A 233 -12.95 16.27 -2.13
C GLN A 233 -12.84 17.29 -3.30
N ALA A 234 -11.92 17.04 -4.24
CA ALA A 234 -11.69 17.83 -5.43
C ALA A 234 -12.95 17.77 -6.28
N LEU A 235 -13.57 16.64 -6.55
CA LEU A 235 -14.81 16.54 -7.33
C LEU A 235 -15.97 17.37 -6.80
N TRP A 236 -16.23 17.19 -5.51
CA TRP A 236 -17.19 17.76 -4.61
C TRP A 236 -17.05 19.25 -4.63
N ALA A 237 -15.88 19.85 -4.70
CA ALA A 237 -15.60 21.26 -4.80
C ALA A 237 -15.62 21.75 -6.24
N GLU A 238 -15.85 20.87 -7.19
CA GLU A 238 -15.88 21.03 -8.63
C GLU A 238 -14.53 21.53 -9.10
N LYS A 239 -13.41 20.93 -8.66
CA LYS A 239 -12.09 21.45 -9.04
C LYS A 239 -11.21 20.35 -9.56
N LEU A 240 -11.85 19.24 -9.98
CA LEU A 240 -11.06 18.12 -10.55
C LEU A 240 -11.00 18.36 -12.07
N PHE A 241 -10.04 19.18 -12.51
CA PHE A 241 -9.82 19.53 -13.91
C PHE A 241 -9.07 18.54 -14.75
N HIS A 242 -8.19 17.77 -14.17
CA HIS A 242 -7.38 16.76 -14.85
C HIS A 242 -6.98 15.79 -13.76
N ILE A 243 -6.30 14.72 -14.05
CA ILE A 243 -5.84 13.69 -13.12
C ILE A 243 -4.67 13.01 -13.80
N ASP A 244 -3.76 12.49 -13.02
CA ASP A 244 -2.56 11.73 -13.46
C ASP A 244 -2.73 10.37 -12.72
N LEU A 245 -2.82 9.31 -13.48
CA LEU A 245 -2.95 7.95 -13.00
C LEU A 245 -1.64 7.20 -13.11
N ASN A 246 -1.22 6.53 -12.06
CA ASN A 246 0.02 5.72 -11.97
C ASN A 246 -0.09 4.91 -10.65
N GLY A 247 1.03 4.27 -10.33
CA GLY A 247 1.10 3.44 -9.13
C GLY A 247 2.34 3.86 -8.33
N GLN A 248 2.14 3.66 -7.05
CA GLN A 248 3.06 3.92 -5.95
C GLN A 248 2.87 2.77 -4.95
N ARG A 249 4.02 2.22 -4.54
CA ARG A 249 4.00 1.15 -3.56
C ARG A 249 4.56 1.73 -2.27
N GLY A 250 3.92 2.59 -1.51
CA GLY A 250 4.35 3.12 -0.26
C GLY A 250 4.92 4.47 -0.24
N ILE A 251 5.26 4.95 0.92
CA ILE A 251 5.87 6.24 1.25
C ILE A 251 7.38 6.14 0.97
N LYS A 252 7.71 6.65 -0.22
CA LYS A 252 9.13 6.57 -0.66
C LYS A 252 9.22 7.49 -1.85
N TYR A 253 10.30 7.49 -2.57
CA TYR A 253 10.56 8.29 -3.78
C TYR A 253 9.36 8.05 -4.72
N ASP A 254 9.13 8.99 -5.57
CA ASP A 254 8.02 8.97 -6.58
C ASP A 254 8.34 7.87 -7.57
N GLN A 255 7.56 6.79 -7.54
CA GLN A 255 7.84 5.66 -8.41
C GLN A 255 7.29 5.80 -9.80
N ASP A 256 6.10 6.39 -9.93
CA ASP A 256 5.51 6.47 -11.29
C ASP A 256 5.37 5.12 -11.94
N LEU A 257 4.83 4.10 -11.28
CA LEU A 257 4.64 2.77 -11.86
C LEU A 257 3.39 2.87 -12.75
N VAL A 258 3.17 1.86 -13.54
CA VAL A 258 1.96 1.77 -14.40
C VAL A 258 0.69 1.88 -13.50
N PHE A 259 -0.37 2.50 -14.02
CA PHE A 259 -1.61 2.54 -13.23
C PHE A 259 -2.04 1.08 -12.96
N GLY A 260 -2.32 0.80 -11.68
CA GLY A 260 -2.74 -0.51 -11.21
C GLY A 260 -1.60 -1.36 -10.68
N HIS A 261 -0.33 -1.00 -10.86
CA HIS A 261 0.88 -1.66 -10.45
C HIS A 261 1.42 -1.30 -9.05
N GLY A 262 0.73 -0.43 -8.36
CA GLY A 262 0.89 0.04 -7.02
C GLY A 262 -0.23 -0.52 -6.12
N ASP A 263 -0.96 0.35 -5.47
CA ASP A 263 -2.08 -0.07 -4.55
C ASP A 263 -3.26 -0.50 -5.41
N LEU A 264 -3.50 -1.78 -5.56
CA LEU A 264 -4.55 -2.30 -6.42
C LEU A 264 -5.96 -2.03 -6.03
N THR A 265 -6.33 -2.24 -4.78
CA THR A 265 -7.71 -1.97 -4.29
C THR A 265 -8.02 -0.49 -4.43
N SER A 266 -7.03 0.35 -4.06
CA SER A 266 -7.15 1.80 -4.17
C SER A 266 -7.41 2.14 -5.63
N ALA A 267 -6.75 1.64 -6.64
CA ALA A 267 -6.93 1.82 -8.06
C ALA A 267 -8.35 1.47 -8.48
N PHE A 268 -8.84 0.32 -8.01
CA PHE A 268 -10.16 -0.23 -8.20
C PHE A 268 -11.19 0.78 -7.76
N PHE A 269 -11.14 1.29 -6.54
CA PHE A 269 -12.05 2.30 -6.03
C PHE A 269 -11.83 3.63 -6.73
N THR A 270 -10.71 4.01 -7.31
CA THR A 270 -10.48 5.23 -8.06
C THR A 270 -11.26 5.11 -9.39
N VAL A 271 -11.05 3.96 -10.06
CA VAL A 271 -11.79 3.68 -11.30
C VAL A 271 -13.30 3.70 -11.04
N ASP A 272 -13.86 3.10 -10.01
CA ASP A 272 -15.29 3.15 -9.64
C ASP A 272 -15.78 4.58 -9.48
N LEU A 273 -15.01 5.45 -8.82
CA LEU A 273 -15.30 6.85 -8.64
C LEU A 273 -15.29 7.47 -10.05
N LEU A 274 -14.29 7.25 -10.90
CA LEU A 274 -14.28 7.89 -12.22
C LEU A 274 -15.40 7.45 -13.15
N GLU A 275 -15.71 6.19 -13.17
CA GLU A 275 -16.74 5.56 -13.97
C GLU A 275 -18.16 5.63 -13.43
N ASN A 276 -18.43 5.21 -12.23
CA ASN A 276 -19.71 5.20 -11.59
C ASN A 276 -20.04 6.51 -10.88
N GLY A 277 -19.14 7.38 -10.58
CA GLY A 277 -19.46 8.59 -9.83
C GLY A 277 -19.82 8.17 -8.39
N PHE A 278 -20.48 9.06 -7.65
CA PHE A 278 -20.90 8.81 -6.25
C PHE A 278 -22.17 8.02 -6.19
N PRO A 279 -22.28 7.10 -5.20
CA PRO A 279 -23.46 6.28 -4.98
C PRO A 279 -24.78 7.04 -4.98
N ASN A 280 -24.94 8.19 -4.35
CA ASN A 280 -26.11 9.02 -4.28
C ASN A 280 -26.03 10.11 -5.34
N GLY A 281 -25.21 10.01 -6.38
CA GLY A 281 -25.18 11.07 -7.39
C GLY A 281 -24.30 12.24 -7.05
N GLY A 282 -24.03 13.14 -7.98
CA GLY A 282 -23.11 14.26 -7.71
C GLY A 282 -22.30 14.51 -8.99
N PRO A 283 -21.29 15.37 -8.89
CA PRO A 283 -20.48 15.69 -10.07
C PRO A 283 -19.80 14.46 -10.57
N LYS A 284 -19.39 14.39 -11.81
CA LYS A 284 -18.71 13.26 -12.44
C LYS A 284 -17.45 13.73 -13.14
N TYR A 285 -16.33 12.98 -13.14
CA TYR A 285 -15.18 13.56 -13.89
C TYR A 285 -15.25 13.21 -15.37
N THR A 286 -15.16 14.17 -16.26
CA THR A 286 -15.19 13.77 -17.68
C THR A 286 -13.97 14.08 -18.51
N GLY A 287 -12.89 14.53 -18.00
CA GLY A 287 -11.65 14.80 -18.72
C GLY A 287 -10.90 13.48 -19.08
N PRO A 288 -9.68 13.78 -19.55
CA PRO A 288 -8.76 12.75 -19.98
C PRO A 288 -8.35 11.87 -18.81
N ARG A 289 -8.11 10.62 -19.12
CA ARG A 289 -7.60 9.63 -18.16
C ARG A 289 -6.10 9.66 -18.56
N HIS A 290 -5.32 10.46 -17.87
CA HIS A 290 -3.90 10.63 -18.19
C HIS A 290 -2.97 9.82 -17.35
N PHE A 291 -1.99 9.24 -18.00
CA PHE A 291 -1.01 8.38 -17.30
C PHE A 291 0.30 9.11 -17.22
N ASP A 292 0.75 9.37 -15.99
CA ASP A 292 2.08 9.99 -15.75
C ASP A 292 2.93 8.88 -15.06
N TYR A 293 3.52 8.01 -15.89
CA TYR A 293 4.30 6.89 -15.35
C TYR A 293 5.63 6.91 -16.07
N LYS A 294 6.51 6.03 -15.61
CA LYS A 294 7.82 5.86 -16.17
C LYS A 294 8.05 4.38 -16.38
N PRO A 295 8.40 4.00 -17.61
CA PRO A 295 8.71 2.57 -17.92
C PRO A 295 9.92 2.20 -17.06
N SER A 296 9.86 1.17 -16.25
CA SER A 296 11.00 0.83 -15.37
C SER A 296 12.27 0.83 -16.19
N ARG A 297 13.39 1.35 -15.72
CA ARG A 297 14.66 1.42 -16.43
C ARG A 297 15.35 0.13 -16.79
N THR A 298 14.96 -1.00 -16.23
CA THR A 298 15.38 -2.35 -16.45
C THR A 298 14.88 -2.86 -17.82
N ASP A 299 13.81 -2.36 -18.36
CA ASP A 299 13.13 -2.65 -19.60
C ASP A 299 13.60 -1.73 -20.74
N GLY A 300 13.66 -2.41 -21.84
CA GLY A 300 14.11 -1.92 -23.15
C GLY A 300 12.87 -1.70 -23.96
N TYR A 301 13.01 -1.14 -25.14
CA TYR A 301 11.90 -0.76 -25.99
C TYR A 301 10.75 -1.67 -26.21
N ASP A 302 10.77 -2.99 -26.26
CA ASP A 302 9.41 -3.64 -26.32
C ASP A 302 8.68 -3.36 -25.01
N GLY A 303 9.38 -3.36 -23.88
CA GLY A 303 8.95 -3.00 -22.54
C GLY A 303 8.29 -1.64 -22.47
N VAL A 304 8.80 -0.61 -23.14
CA VAL A 304 8.22 0.74 -23.17
C VAL A 304 6.80 0.68 -23.73
N TRP A 305 6.61 0.01 -24.88
CA TRP A 305 5.23 0.00 -25.51
C TRP A 305 4.30 -0.94 -24.82
N ASP A 306 4.82 -1.96 -24.19
CA ASP A 306 4.16 -2.92 -23.35
C ASP A 306 3.64 -2.17 -22.10
N SER A 307 4.46 -1.34 -21.45
CA SER A 307 4.07 -0.59 -20.26
C SER A 307 2.98 0.42 -20.54
N ALA A 308 3.08 1.05 -21.74
CA ALA A 308 2.09 2.03 -22.26
C ALA A 308 0.68 1.44 -22.32
N LYS A 309 0.67 0.28 -22.90
CA LYS A 309 -0.43 -0.65 -23.15
C LYS A 309 -0.90 -1.25 -21.83
N ALA A 310 -0.02 -1.51 -20.88
CA ALA A 310 -0.41 -2.07 -19.57
C ALA A 310 -1.28 -1.05 -18.88
N ASN A 311 -1.00 0.23 -18.94
CA ASN A 311 -1.82 1.30 -18.37
C ASN A 311 -3.29 1.27 -18.79
N MET A 312 -3.53 1.23 -20.08
CA MET A 312 -4.85 1.15 -20.71
C MET A 312 -5.45 -0.23 -20.38
N SER A 313 -4.77 -1.35 -20.44
CA SER A 313 -5.33 -2.64 -20.08
C SER A 313 -5.83 -2.65 -18.61
N MET A 314 -4.98 -2.24 -17.67
CA MET A 314 -5.27 -2.13 -16.26
C MET A 314 -6.53 -1.28 -16.09
N TYR A 315 -6.57 -0.08 -16.65
CA TYR A 315 -7.75 0.77 -16.55
C TYR A 315 -9.02 0.09 -17.07
N LEU A 316 -8.97 -0.56 -18.24
CA LEU A 316 -10.13 -1.27 -18.78
C LEU A 316 -10.55 -2.48 -17.95
N LEU A 317 -9.61 -3.25 -17.42
CA LEU A 317 -9.92 -4.36 -16.52
C LEU A 317 -10.57 -3.91 -15.21
N LEU A 318 -10.08 -2.81 -14.63
CA LEU A 318 -10.66 -2.27 -13.39
C LEU A 318 -12.04 -1.75 -13.69
N LYS A 319 -12.17 -1.08 -14.84
CA LYS A 319 -13.47 -0.55 -15.26
C LYS A 319 -14.53 -1.63 -15.47
N GLU A 320 -14.18 -2.74 -16.11
CA GLU A 320 -15.09 -3.87 -16.33
C GLU A 320 -15.61 -4.40 -14.98
N ARG A 321 -14.75 -4.63 -14.01
CA ARG A 321 -15.01 -5.10 -12.68
C ARG A 321 -15.83 -4.18 -11.82
N ALA A 322 -15.50 -2.89 -11.87
CA ALA A 322 -16.18 -1.83 -11.14
C ALA A 322 -17.60 -1.59 -11.63
N LEU A 323 -17.91 -1.83 -12.93
CA LEU A 323 -19.26 -1.72 -13.49
C LEU A 323 -20.02 -2.96 -13.04
N ALA A 324 -19.40 -4.10 -13.05
CA ALA A 324 -19.99 -5.36 -12.62
C ALA A 324 -20.40 -5.31 -11.14
N PHE A 325 -19.49 -4.77 -10.33
CA PHE A 325 -19.57 -4.62 -8.90
C PHE A 325 -20.82 -3.82 -8.54
N ARG A 326 -20.96 -2.64 -9.09
CA ARG A 326 -22.12 -1.82 -8.79
C ARG A 326 -23.40 -2.35 -9.38
N ALA A 327 -23.43 -3.09 -10.44
CA ALA A 327 -24.59 -3.65 -11.09
C ALA A 327 -25.13 -4.86 -10.33
N ASP A 328 -24.35 -5.51 -9.53
CA ASP A 328 -24.68 -6.65 -8.71
C ASP A 328 -25.69 -6.32 -7.61
N PRO A 329 -26.81 -7.04 -7.69
CA PRO A 329 -27.92 -6.95 -6.75
C PRO A 329 -27.52 -7.09 -5.31
N GLU A 330 -26.67 -8.08 -5.00
CA GLU A 330 -26.00 -8.48 -3.80
C GLU A 330 -25.20 -7.31 -3.18
N VAL A 331 -24.47 -6.63 -4.08
CA VAL A 331 -23.69 -5.45 -3.75
C VAL A 331 -24.64 -4.33 -3.35
N GLN A 332 -25.66 -4.07 -4.13
CA GLN A 332 -26.67 -3.03 -3.88
C GLN A 332 -27.38 -3.22 -2.53
N GLU A 333 -27.74 -4.46 -2.21
CA GLU A 333 -28.37 -4.90 -0.97
C GLU A 333 -27.44 -4.56 0.19
N ALA A 334 -26.14 -4.98 0.10
CA ALA A 334 -25.07 -4.74 1.07
C ALA A 334 -24.87 -3.25 1.34
N MET A 335 -24.85 -2.47 0.29
CA MET A 335 -24.79 -1.02 0.27
C MET A 335 -25.93 -0.39 1.08
N LYS A 336 -27.15 -0.93 0.93
CA LYS A 336 -28.36 -0.50 1.60
C LYS A 336 -28.24 -0.71 3.10
N THR A 337 -27.94 -1.95 3.47
CA THR A 337 -27.71 -2.39 4.84
C THR A 337 -26.75 -1.50 5.61
N SER A 338 -25.59 -1.24 5.01
CA SER A 338 -24.48 -0.45 5.49
C SER A 338 -24.80 1.03 5.59
N GLY A 339 -25.89 1.56 5.11
CA GLY A 339 -26.26 2.92 5.20
C GLY A 339 -25.57 3.73 4.12
N VAL A 340 -25.10 3.20 2.99
CA VAL A 340 -24.46 4.04 1.97
C VAL A 340 -25.49 5.03 1.42
N PHE A 341 -26.69 4.55 1.16
CA PHE A 341 -27.75 5.48 0.68
C PHE A 341 -28.24 6.25 1.87
N GLU A 342 -28.40 5.86 3.15
CA GLU A 342 -28.85 6.83 4.17
C GLU A 342 -27.87 8.00 4.36
N LEU A 343 -26.55 7.86 4.10
CA LEU A 343 -25.69 9.01 4.20
C LEU A 343 -26.15 10.20 3.39
N GLY A 344 -26.72 10.04 2.19
CA GLY A 344 -27.30 11.01 1.30
C GLY A 344 -28.52 11.74 1.83
N GLU A 345 -29.24 11.35 2.85
CA GLU A 345 -30.41 12.02 3.42
C GLU A 345 -29.96 13.15 4.31
N THR A 346 -30.44 14.32 4.23
CA THR A 346 -30.00 15.42 5.11
C THR A 346 -30.28 15.01 6.54
N THR A 347 -29.52 15.55 7.47
CA THR A 347 -29.65 15.24 8.90
C THR A 347 -30.88 15.91 9.46
N LEU A 348 -31.03 17.18 9.07
CA LEU A 348 -32.17 17.97 9.46
C LEU A 348 -33.38 17.68 8.53
N ASN A 349 -34.54 17.96 9.07
CA ASN A 349 -35.81 17.89 8.30
C ASN A 349 -35.92 19.28 7.65
N ALA A 350 -36.78 19.24 6.66
CA ALA A 350 -37.16 20.43 5.81
C ALA A 350 -37.52 21.56 6.74
N GLY A 351 -36.88 22.70 6.61
CA GLY A 351 -37.07 23.83 7.49
C GLY A 351 -37.01 23.41 8.96
N GLU A 352 -36.01 22.70 9.46
CA GLU A 352 -35.88 22.34 10.87
C GLU A 352 -34.67 23.22 11.20
N SER A 353 -34.70 23.97 12.25
CA SER A 353 -33.54 24.82 12.61
C SER A 353 -32.79 24.08 13.75
N ALA A 354 -31.67 24.66 14.12
CA ALA A 354 -30.78 24.22 15.19
C ALA A 354 -31.59 24.09 16.47
N ALA A 355 -32.25 25.17 16.87
CA ALA A 355 -33.12 25.25 18.05
C ALA A 355 -34.17 24.17 18.05
N ASP A 356 -34.84 23.93 16.93
CA ASP A 356 -35.81 22.89 16.68
C ASP A 356 -35.24 21.51 17.00
N LEU A 357 -34.03 21.23 16.48
CA LEU A 357 -33.38 19.95 16.74
C LEU A 357 -32.97 19.81 18.21
N MET A 358 -32.42 20.80 18.87
CA MET A 358 -31.98 20.66 20.26
C MET A 358 -33.16 20.35 21.21
N ASN A 359 -34.26 20.99 21.01
CA ASN A 359 -35.54 20.87 21.68
C ASN A 359 -36.16 19.52 21.27
N ASP A 360 -36.00 19.01 20.07
CA ASP A 360 -36.59 17.69 19.75
C ASP A 360 -35.95 16.69 20.72
N SER A 361 -36.80 16.11 21.53
CA SER A 361 -36.50 15.15 22.60
C SER A 361 -36.08 13.77 22.17
N ALA A 362 -36.59 13.41 20.99
CA ALA A 362 -36.36 12.16 20.30
C ALA A 362 -34.94 12.03 19.74
N SER A 363 -34.34 13.13 19.38
CA SER A 363 -33.03 13.26 18.83
C SER A 363 -31.92 13.45 19.84
N PHE A 364 -32.27 13.76 21.07
CA PHE A 364 -31.28 14.02 22.13
C PHE A 364 -31.72 13.52 23.49
N ALA A 365 -32.47 14.31 24.20
CA ALA A 365 -33.02 14.05 25.51
C ALA A 365 -33.48 12.62 25.77
N GLY A 366 -34.26 11.99 24.91
CA GLY A 366 -34.72 10.65 25.10
C GLY A 366 -34.20 9.81 23.97
N PHE A 367 -33.05 10.14 23.39
CA PHE A 367 -32.50 9.28 22.30
C PHE A 367 -31.88 8.04 22.96
N ASP A 368 -32.23 6.85 22.47
CA ASP A 368 -31.62 5.66 23.05
C ASP A 368 -30.30 5.32 22.30
N ALA A 369 -29.23 5.91 22.84
CA ALA A 369 -27.82 5.78 22.41
C ALA A 369 -27.35 4.33 22.47
N GLU A 370 -27.61 3.62 23.56
CA GLU A 370 -27.19 2.22 23.62
C GLU A 370 -28.02 1.46 22.59
N ALA A 371 -29.32 1.64 22.34
CA ALA A 371 -29.94 0.84 21.29
C ALA A 371 -29.40 1.13 19.89
N ALA A 372 -29.18 2.43 19.59
CA ALA A 372 -28.65 2.87 18.28
C ALA A 372 -27.27 2.34 18.03
N ALA A 373 -26.39 2.05 18.99
CA ALA A 373 -25.06 1.53 18.89
C ALA A 373 -25.02 0.07 18.50
N GLU A 374 -26.16 -0.59 18.53
CA GLU A 374 -26.30 -2.01 18.21
C GLU A 374 -26.23 -2.17 16.72
N ARG A 375 -26.54 -1.22 15.86
CA ARG A 375 -26.41 -1.43 14.42
C ARG A 375 -25.13 -2.13 13.99
N ASN A 376 -25.30 -3.15 13.16
CA ASN A 376 -24.24 -3.92 12.54
C ASN A 376 -24.09 -3.15 11.18
N PHE A 377 -23.08 -2.30 11.07
CA PHE A 377 -22.85 -1.59 9.79
C PHE A 377 -22.40 -2.60 8.73
N ALA A 378 -21.77 -3.74 8.99
CA ALA A 378 -21.39 -4.73 8.01
C ALA A 378 -20.58 -4.14 6.88
N PHE A 379 -19.53 -3.44 7.25
CA PHE A 379 -18.66 -2.79 6.25
C PHE A 379 -17.64 -3.83 5.80
N ILE A 380 -17.33 -4.82 6.62
CA ILE A 380 -16.38 -5.86 6.25
C ILE A 380 -16.94 -6.69 5.11
N ARG A 381 -18.19 -7.19 5.23
CA ARG A 381 -18.88 -7.96 4.19
C ARG A 381 -18.94 -7.12 2.91
N LEU A 382 -19.32 -5.85 2.97
CA LEU A 382 -19.30 -4.97 1.83
C LEU A 382 -17.90 -4.88 1.23
N ASN A 383 -16.82 -4.80 2.01
CA ASN A 383 -15.48 -4.74 1.47
C ASN A 383 -15.15 -6.07 0.81
N GLN A 384 -15.57 -7.19 1.35
CA GLN A 384 -15.32 -8.54 0.80
C GLN A 384 -15.99 -8.67 -0.57
N LEU A 385 -17.20 -8.17 -0.72
CA LEU A 385 -17.91 -8.18 -1.99
C LEU A 385 -17.08 -7.40 -3.01
N ALA A 386 -16.60 -6.20 -2.73
CA ALA A 386 -15.78 -5.40 -3.63
C ALA A 386 -14.58 -6.21 -4.11
N ILE A 387 -13.78 -6.80 -3.17
CA ILE A 387 -12.60 -7.58 -3.52
C ILE A 387 -12.95 -8.79 -4.37
N GLU A 388 -14.02 -9.51 -4.09
CA GLU A 388 -14.49 -10.64 -4.90
C GLU A 388 -14.84 -10.17 -6.30
N HIS A 389 -15.39 -9.00 -6.54
CA HIS A 389 -15.64 -8.42 -7.84
C HIS A 389 -14.30 -8.11 -8.52
N LEU A 390 -13.39 -7.46 -7.81
CA LEU A 390 -12.04 -7.15 -8.25
C LEU A 390 -11.22 -8.33 -8.74
N LEU A 391 -11.29 -9.47 -8.06
CA LEU A 391 -10.62 -10.69 -8.33
C LEU A 391 -11.33 -11.54 -9.37
N GLY A 392 -12.40 -11.13 -9.92
CA GLY A 392 -13.25 -11.71 -10.90
C GLY A 392 -13.74 -13.07 -10.44
N SER A 393 -14.20 -13.20 -9.22
CA SER A 393 -14.61 -14.50 -8.69
C SER A 393 -16.14 -14.47 -8.61
N ARG A 394 -16.68 -13.28 -8.84
CA ARG A 394 -18.11 -13.03 -8.87
C ARG A 394 -18.32 -12.57 -10.32
N VAL B 2 -13.92 -20.66 -2.47
CA VAL B 2 -14.09 -21.09 -1.10
C VAL B 2 -14.15 -22.64 -1.05
N GLN B 3 -14.37 -23.10 0.10
CA GLN B 3 -14.56 -24.02 1.09
C GLN B 3 -13.29 -24.55 1.74
N PRO B 4 -13.00 -23.90 2.89
CA PRO B 4 -11.83 -24.33 3.68
C PRO B 4 -12.19 -25.64 4.37
N THR B 5 -11.22 -26.46 4.64
CA THR B 5 -11.41 -27.72 5.38
C THR B 5 -10.21 -27.68 6.30
N PRO B 6 -10.16 -28.54 7.33
CA PRO B 6 -9.04 -28.63 8.27
C PRO B 6 -7.73 -28.87 7.60
N ALA B 7 -7.64 -29.53 6.45
CA ALA B 7 -6.45 -29.80 5.67
C ALA B 7 -5.77 -28.55 5.20
N ASP B 8 -6.40 -27.40 5.04
CA ASP B 8 -5.86 -26.10 4.71
C ASP B 8 -5.02 -25.51 5.84
N HIS B 9 -5.14 -25.95 7.07
CA HIS B 9 -4.43 -25.53 8.25
C HIS B 9 -4.64 -24.07 8.66
N PHE B 10 -5.85 -23.57 8.58
CA PHE B 10 -6.32 -22.26 8.97
C PHE B 10 -6.59 -22.30 10.48
N THR B 11 -5.79 -21.49 11.18
CA THR B 11 -5.79 -21.32 12.64
C THR B 11 -6.12 -19.84 12.91
N PHE B 12 -6.80 -19.52 13.99
CA PHE B 12 -7.27 -18.23 14.45
C PHE B 12 -6.98 -18.10 15.95
N GLY B 13 -6.57 -16.92 16.38
CA GLY B 13 -6.34 -16.66 17.79
C GLY B 13 -7.72 -16.33 18.35
N LEU B 14 -7.86 -16.72 19.61
CA LEU B 14 -9.09 -16.48 20.38
C LEU B 14 -9.38 -15.00 20.50
N TRP B 15 -8.40 -14.12 20.59
CA TRP B 15 -8.41 -12.71 20.70
C TRP B 15 -8.79 -12.01 19.41
N THR B 16 -8.73 -12.70 18.29
CA THR B 16 -9.09 -12.09 17.00
C THR B 16 -10.59 -11.89 17.00
N VAL B 17 -11.34 -12.99 16.94
CA VAL B 17 -12.82 -12.99 16.94
C VAL B 17 -13.39 -12.49 18.25
N GLY B 18 -12.66 -12.71 19.35
CA GLY B 18 -12.97 -12.23 20.67
C GLY B 18 -12.71 -10.74 20.75
N TRP B 19 -12.05 -10.00 19.86
CA TRP B 19 -11.80 -8.58 19.94
C TRP B 19 -13.17 -7.82 19.94
N THR B 20 -13.33 -7.21 21.06
CA THR B 20 -14.59 -6.47 21.38
C THR B 20 -14.68 -5.06 20.93
N GLY B 21 -13.60 -4.46 20.38
CA GLY B 21 -13.72 -3.10 19.87
C GLY B 21 -13.19 -1.98 20.65
N ALA B 22 -12.64 -2.19 21.79
CA ALA B 22 -12.06 -1.07 22.58
C ALA B 22 -10.82 -0.61 21.86
N ASP B 23 -10.74 0.65 21.55
CA ASP B 23 -9.45 1.10 20.85
C ASP B 23 -8.97 2.21 21.77
N PRO B 24 -8.00 2.99 21.33
CA PRO B 24 -7.48 4.10 22.18
C PRO B 24 -8.51 5.20 22.35
N PHE B 25 -9.45 5.44 21.45
CA PHE B 25 -10.44 6.50 21.51
C PHE B 25 -11.81 6.05 21.92
N GLY B 26 -12.08 4.83 22.30
CA GLY B 26 -13.40 4.34 22.67
C GLY B 26 -13.55 2.97 23.26
N VAL B 27 -14.65 2.68 23.89
CA VAL B 27 -15.01 1.43 24.56
C VAL B 27 -15.43 0.36 23.55
N ALA B 28 -15.50 -0.85 24.03
CA ALA B 28 -15.87 -2.05 23.31
C ALA B 28 -17.22 -1.78 22.66
N THR B 29 -17.44 -2.38 21.50
CA THR B 29 -18.72 -2.18 20.81
C THR B 29 -19.39 -3.51 20.77
N ARG B 30 -18.79 -4.59 21.24
CA ARG B 30 -19.47 -5.90 21.19
C ARG B 30 -19.34 -6.52 22.58
N LYS B 31 -20.19 -7.50 22.79
CA LYS B 31 -20.25 -8.26 24.06
C LYS B 31 -19.09 -9.26 24.06
N ASN B 32 -18.59 -9.59 25.23
CA ASN B 32 -17.49 -10.54 25.36
C ASN B 32 -17.84 -11.83 24.65
N LEU B 33 -16.91 -12.52 24.09
CA LEU B 33 -17.25 -13.81 23.43
C LEU B 33 -16.79 -14.96 24.32
N ASP B 34 -17.61 -15.94 24.61
CA ASP B 34 -17.11 -17.06 25.45
C ASP B 34 -16.23 -17.92 24.56
N PRO B 35 -15.15 -18.45 25.16
CA PRO B 35 -14.13 -19.29 24.53
C PRO B 35 -14.69 -20.62 24.09
N VAL B 36 -15.62 -21.22 24.85
CA VAL B 36 -16.23 -22.48 24.33
C VAL B 36 -17.05 -22.16 23.08
N GLU B 37 -17.76 -21.07 22.98
CA GLU B 37 -18.53 -20.60 21.87
C GLU B 37 -17.68 -20.35 20.63
N ALA B 38 -16.51 -19.71 20.81
CA ALA B 38 -15.44 -19.43 19.85
C ALA B 38 -15.00 -20.73 19.15
N VAL B 39 -14.66 -21.75 19.93
CA VAL B 39 -14.27 -23.05 19.45
C VAL B 39 -15.34 -23.72 18.62
N HIS B 40 -16.61 -23.67 19.04
CA HIS B 40 -17.66 -24.36 18.27
C HIS B 40 -17.83 -23.61 16.98
N LYS B 41 -17.99 -22.31 17.09
CA LYS B 41 -18.13 -21.48 15.90
C LYS B 41 -16.95 -21.63 14.95
N LEU B 42 -15.68 -21.58 15.38
CA LEU B 42 -14.54 -21.71 14.48
C LEU B 42 -14.55 -23.04 13.83
N ALA B 43 -14.73 -24.12 14.56
CA ALA B 43 -14.83 -25.51 14.00
C ALA B 43 -15.95 -25.57 12.99
N GLU B 44 -17.16 -24.97 13.15
CA GLU B 44 -18.22 -24.95 12.18
C GLU B 44 -17.73 -24.36 10.86
N LEU B 45 -16.92 -23.29 10.85
CA LEU B 45 -16.41 -22.61 9.70
C LEU B 45 -15.31 -23.28 8.91
N GLY B 46 -14.66 -24.30 9.41
CA GLY B 46 -13.59 -24.93 8.66
C GLY B 46 -12.18 -24.75 9.22
N ALA B 47 -12.03 -24.08 10.32
CA ALA B 47 -10.72 -23.88 10.96
C ALA B 47 -10.20 -25.25 11.41
N TYR B 48 -8.92 -25.29 11.54
CA TYR B 48 -8.20 -26.47 11.96
C TYR B 48 -7.80 -26.41 13.41
N GLY B 49 -7.58 -25.21 13.90
CA GLY B 49 -7.09 -24.97 15.26
C GLY B 49 -7.28 -23.59 15.76
N ILE B 50 -7.00 -23.37 17.01
CA ILE B 50 -7.21 -22.06 17.68
C ILE B 50 -5.97 -21.84 18.52
N THR B 51 -5.66 -20.58 18.70
CA THR B 51 -4.43 -20.22 19.48
C THR B 51 -4.99 -19.27 20.55
N PHE B 52 -4.20 -19.04 21.58
CA PHE B 52 -4.66 -18.14 22.65
C PHE B 52 -3.42 -17.74 23.45
N HIS B 53 -3.71 -16.61 24.10
CA HIS B 53 -2.79 -16.03 25.07
C HIS B 53 -3.29 -16.61 26.44
N ASP B 54 -2.40 -16.86 27.36
CA ASP B 54 -2.76 -17.34 28.72
C ASP B 54 -3.93 -16.57 29.28
N ASN B 55 -3.88 -15.23 29.39
CA ASN B 55 -4.99 -14.42 29.91
C ASN B 55 -6.20 -14.34 29.03
N ASP B 56 -6.33 -14.91 27.83
CA ASP B 56 -7.45 -14.99 26.95
C ASP B 56 -8.44 -16.01 27.55
N LEU B 57 -7.86 -16.98 28.20
CA LEU B 57 -8.56 -18.12 28.78
C LEU B 57 -8.57 -17.98 30.32
N ILE B 58 -7.40 -17.77 30.92
CA ILE B 58 -7.30 -17.66 32.37
C ILE B 58 -7.03 -16.22 32.78
N PRO B 59 -7.99 -15.72 33.54
CA PRO B 59 -7.89 -14.34 34.03
C PRO B 59 -6.62 -14.27 34.82
N PHE B 60 -6.00 -13.11 34.89
CA PHE B 60 -4.78 -12.81 35.64
C PHE B 60 -4.93 -13.19 37.11
N ASP B 61 -6.03 -12.94 37.73
CA ASP B 61 -6.58 -13.12 39.00
C ASP B 61 -7.02 -14.54 39.44
N ALA B 62 -7.49 -15.32 38.49
CA ALA B 62 -8.02 -16.68 38.74
C ALA B 62 -7.18 -17.47 39.76
N THR B 63 -7.91 -18.24 40.51
CA THR B 63 -7.41 -19.20 41.54
C THR B 63 -7.23 -20.52 40.82
N GLU B 64 -6.51 -21.49 41.36
CA GLU B 64 -6.33 -22.82 40.75
C GLU B 64 -7.63 -23.56 40.45
N ALA B 65 -8.61 -23.43 41.33
CA ALA B 65 -9.94 -23.98 41.23
C ALA B 65 -10.56 -23.31 40.00
N GLU B 66 -10.46 -21.98 39.88
CA GLU B 66 -10.97 -21.29 38.68
C GLU B 66 -10.25 -21.76 37.43
N ARG B 67 -8.92 -21.90 37.48
CA ARG B 67 -8.13 -22.36 36.33
C ARG B 67 -8.65 -23.69 35.79
N GLU B 68 -8.82 -24.64 36.67
CA GLU B 68 -9.31 -25.98 36.36
C GLU B 68 -10.70 -26.03 35.88
N LYS B 69 -11.62 -25.25 36.42
CA LYS B 69 -13.02 -25.16 35.92
C LYS B 69 -12.84 -24.76 34.44
N ILE B 70 -12.27 -23.59 34.15
CA ILE B 70 -11.99 -23.08 32.81
C ILE B 70 -11.32 -24.05 31.85
N LEU B 71 -10.21 -24.67 32.13
CA LEU B 71 -9.53 -25.63 31.25
C LEU B 71 -10.33 -26.86 30.85
N GLY B 72 -11.12 -27.42 31.76
CA GLY B 72 -11.98 -28.57 31.56
C GLY B 72 -13.04 -28.24 30.53
N ASP B 73 -13.68 -27.06 30.59
CA ASP B 73 -14.67 -26.77 29.55
C ASP B 73 -13.98 -26.55 28.19
N PHE B 74 -12.83 -25.88 28.26
CA PHE B 74 -12.00 -25.58 27.11
C PHE B 74 -11.63 -26.89 26.43
N ASN B 75 -11.01 -27.79 27.17
CA ASN B 75 -10.63 -29.11 26.67
C ASN B 75 -11.77 -29.98 26.18
N GLN B 76 -12.95 -29.90 26.76
CA GLN B 76 -14.13 -30.64 26.33
C GLN B 76 -14.53 -30.23 24.91
N ALA B 77 -14.62 -28.95 24.67
CA ALA B 77 -14.94 -28.20 23.46
C ALA B 77 -14.01 -28.61 22.32
N LEU B 78 -12.72 -28.61 22.62
CA LEU B 78 -11.62 -29.05 21.75
C LEU B 78 -11.96 -30.51 21.37
N LYS B 79 -12.22 -31.33 22.40
CA LYS B 79 -12.59 -32.73 22.21
C LYS B 79 -13.85 -32.82 21.35
N ASP B 80 -14.93 -32.20 21.72
CA ASP B 80 -16.15 -32.26 20.94
C ASP B 80 -16.00 -31.78 19.52
N THR B 81 -15.22 -30.80 19.17
CA THR B 81 -15.05 -30.25 17.84
C THR B 81 -13.87 -30.82 17.08
N GLY B 82 -12.84 -31.28 17.74
CA GLY B 82 -11.65 -31.73 17.04
C GLY B 82 -10.65 -30.57 16.77
N LEU B 83 -10.83 -29.27 17.12
CA LEU B 83 -9.78 -28.32 16.79
C LEU B 83 -8.49 -28.62 17.61
N LYS B 84 -7.38 -28.32 16.96
CA LYS B 84 -6.07 -28.51 17.65
C LYS B 84 -5.84 -27.12 18.25
N VAL B 85 -4.75 -27.02 18.98
CA VAL B 85 -4.13 -25.89 19.64
C VAL B 85 -2.64 -25.98 19.26
N PRO B 86 -2.36 -25.43 18.07
CA PRO B 86 -1.02 -25.43 17.50
C PRO B 86 -0.09 -24.39 18.09
N MET B 87 -0.62 -23.33 18.64
CA MET B 87 0.31 -22.32 19.19
C MET B 87 -0.29 -21.74 20.43
N VAL B 88 0.57 -21.42 21.39
CA VAL B 88 0.10 -20.74 22.67
C VAL B 88 1.04 -19.51 22.82
N THR B 89 0.59 -18.49 23.50
CA THR B 89 1.42 -17.29 23.74
C THR B 89 1.07 -16.67 25.07
N THR B 90 1.97 -15.80 25.60
CA THR B 90 1.75 -15.18 26.89
C THR B 90 1.44 -13.71 26.79
N ASN B 91 0.60 -13.23 27.68
CA ASN B 91 0.27 -11.79 27.73
C ASN B 91 1.29 -11.15 28.68
N LEU B 92 2.18 -10.37 28.11
CA LEU B 92 3.18 -9.62 28.85
C LEU B 92 3.00 -8.14 28.44
N PHE B 93 1.75 -7.74 28.29
CA PHE B 93 1.56 -6.36 27.88
C PHE B 93 0.34 -5.73 28.49
N SER B 94 -0.68 -6.45 28.91
CA SER B 94 -1.90 -5.72 29.39
C SER B 94 -1.95 -5.08 30.76
N HIS B 95 -1.55 -5.85 31.74
CA HIS B 95 -1.53 -5.46 33.13
C HIS B 95 -0.56 -4.32 33.26
N PRO B 96 -0.89 -3.29 34.08
CA PRO B 96 -0.01 -2.17 34.37
C PRO B 96 1.37 -2.58 34.78
N VAL B 97 1.75 -3.71 35.38
CA VAL B 97 3.03 -4.13 35.74
C VAL B 97 4.00 -4.18 34.58
N PHE B 98 3.58 -4.51 33.39
CA PHE B 98 4.33 -4.62 32.16
C PHE B 98 4.41 -3.31 31.41
N LYS B 99 4.18 -2.14 31.99
CA LYS B 99 4.26 -0.85 31.36
C LYS B 99 5.63 -0.50 30.80
N ASP B 100 6.74 -1.06 31.26
CA ASP B 100 8.10 -0.88 30.78
C ASP B 100 8.64 -2.18 30.14
N GLY B 101 7.79 -3.18 29.98
CA GLY B 101 8.15 -4.45 29.36
C GLY B 101 8.09 -5.60 30.34
N GLY B 102 8.38 -6.75 29.89
CA GLY B 102 8.39 -7.97 30.70
C GLY B 102 9.91 -8.16 30.95
N PHE B 103 10.53 -8.89 30.04
CA PHE B 103 11.91 -9.31 29.93
C PHE B 103 12.90 -8.16 29.96
N THR B 104 12.57 -7.00 29.41
CA THR B 104 13.50 -5.87 29.40
C THR B 104 13.00 -4.74 30.27
N SER B 105 12.16 -5.01 31.26
CA SER B 105 11.66 -4.01 32.21
C SER B 105 12.88 -3.49 32.95
N ASN B 106 12.92 -2.21 33.23
CA ASN B 106 14.06 -1.63 33.98
C ASN B 106 14.03 -2.23 35.40
N ASP B 107 12.92 -2.50 36.01
CA ASP B 107 12.74 -3.12 37.29
C ASP B 107 13.09 -4.60 37.24
N ARG B 108 14.06 -5.02 38.04
CA ARG B 108 14.45 -6.43 38.10
C ARG B 108 13.34 -7.39 38.52
N SER B 109 12.53 -6.96 39.51
CA SER B 109 11.47 -7.81 40.04
C SER B 109 10.35 -8.04 39.05
N ILE B 110 10.09 -7.11 38.14
CA ILE B 110 9.10 -7.27 37.06
C ILE B 110 9.70 -8.25 36.04
N ARG B 111 11.03 -8.14 35.79
CA ARG B 111 11.72 -9.06 34.88
C ARG B 111 11.55 -10.51 35.32
N ARG B 112 11.78 -10.79 36.60
CA ARG B 112 11.59 -12.15 37.21
C ARG B 112 10.14 -12.61 37.14
N PHE B 113 9.17 -11.71 37.40
CA PHE B 113 7.74 -11.98 37.34
C PHE B 113 7.35 -12.39 35.93
N ALA B 114 7.79 -11.63 34.93
CA ALA B 114 7.56 -11.90 33.49
C ALA B 114 8.12 -13.23 33.00
N LEU B 115 9.33 -13.54 33.45
CA LEU B 115 10.00 -14.81 33.08
C LEU B 115 9.25 -15.94 33.76
N ALA B 116 8.80 -15.75 35.03
CA ALA B 116 7.99 -16.74 35.79
C ALA B 116 6.73 -17.10 35.04
N LYS B 117 6.01 -16.04 34.65
CA LYS B 117 4.79 -16.15 33.87
C LYS B 117 5.07 -16.88 32.57
N VAL B 118 6.19 -16.63 31.84
CA VAL B 118 6.48 -17.35 30.59
C VAL B 118 6.73 -18.83 30.87
N LEU B 119 7.55 -19.12 31.87
CA LEU B 119 7.87 -20.52 32.22
C LEU B 119 6.64 -21.34 32.47
N HIS B 120 5.70 -20.90 33.27
CA HIS B 120 4.43 -21.53 33.61
C HIS B 120 3.59 -21.75 32.40
N ASN B 121 3.54 -20.78 31.51
CA ASN B 121 2.84 -20.84 30.22
C ASN B 121 3.43 -21.84 29.26
N ILE B 122 4.69 -22.22 29.31
CA ILE B 122 5.38 -23.24 28.54
C ILE B 122 4.79 -24.62 28.99
N ASP B 123 4.59 -24.76 30.31
CA ASP B 123 3.96 -25.96 30.84
C ASP B 123 2.55 -26.03 30.28
N LEU B 124 1.69 -25.05 30.31
CA LEU B 124 0.38 -25.18 29.68
C LEU B 124 0.48 -25.46 28.18
N ALA B 125 1.43 -24.85 27.47
CA ALA B 125 1.63 -25.04 26.04
C ALA B 125 1.83 -26.52 25.70
N ALA B 126 2.75 -27.16 26.38
CA ALA B 126 3.13 -28.59 26.28
C ALA B 126 1.90 -29.42 26.55
N GLU B 127 1.20 -29.22 27.64
CA GLU B 127 -0.07 -29.88 28.02
C GLU B 127 -1.11 -29.74 26.94
N MET B 128 -1.24 -28.60 26.25
CA MET B 128 -2.19 -28.38 25.17
C MET B 128 -1.81 -29.09 23.88
N GLY B 129 -0.61 -29.51 23.62
CA GLY B 129 -0.20 -30.12 22.38
C GLY B 129 0.28 -29.11 21.34
N ALA B 130 0.54 -27.89 21.73
CA ALA B 130 1.07 -26.82 20.92
C ALA B 130 2.46 -27.21 20.42
N GLU B 131 2.81 -26.90 19.20
CA GLU B 131 4.15 -27.15 18.64
C GLU B 131 4.97 -25.88 18.76
N THR B 132 4.33 -24.70 18.77
CA THR B 132 4.94 -23.40 18.81
C THR B 132 4.55 -22.56 20.00
N PHE B 133 5.54 -21.89 20.54
CA PHE B 133 5.25 -20.92 21.66
C PHE B 133 5.63 -19.52 21.11
N VAL B 134 4.68 -18.64 20.96
CA VAL B 134 4.99 -17.32 20.41
C VAL B 134 5.21 -16.30 21.53
N MET B 135 6.23 -15.48 21.24
CA MET B 135 6.66 -14.34 22.07
C MET B 135 6.59 -13.02 21.28
N TRP B 136 5.69 -12.17 21.66
CA TRP B 136 5.52 -10.83 21.08
C TRP B 136 6.01 -9.84 22.17
N GLY B 137 7.06 -9.10 22.00
CA GLY B 137 7.58 -8.19 23.02
C GLY B 137 7.13 -6.79 22.77
N GLY B 138 5.84 -6.55 22.83
CA GLY B 138 5.16 -5.33 22.60
C GLY B 138 5.47 -4.19 23.53
N ARG B 139 5.84 -4.45 24.78
CA ARG B 139 6.18 -3.37 25.71
C ARG B 139 7.70 -3.27 25.86
N GLU B 140 8.48 -4.06 25.17
CA GLU B 140 9.96 -4.00 25.23
C GLU B 140 10.41 -2.88 24.30
N GLY B 141 10.81 -1.76 24.87
CA GLY B 141 11.26 -0.64 24.04
C GLY B 141 11.18 0.66 24.84
N SER B 142 10.95 1.77 24.17
CA SER B 142 10.94 3.07 24.86
C SER B 142 10.32 4.15 23.99
N GLU B 143 10.08 5.31 24.58
CA GLU B 143 9.53 6.45 23.81
C GLU B 143 10.62 7.43 23.55
N TYR B 144 11.61 7.40 24.50
CA TYR B 144 12.79 8.27 24.57
C TYR B 144 14.07 7.49 24.51
N ASP B 145 15.11 7.99 23.84
CA ASP B 145 16.39 7.24 23.68
C ASP B 145 17.23 7.08 24.91
N GLY B 146 17.06 7.95 25.90
CA GLY B 146 17.85 7.79 27.14
C GLY B 146 17.27 6.85 28.15
N SER B 147 16.08 6.31 27.97
CA SER B 147 15.35 5.45 28.88
C SER B 147 16.00 4.13 29.25
N LYS B 148 16.77 3.54 28.32
CA LYS B 148 17.44 2.30 28.39
C LYS B 148 18.93 2.27 28.09
N ASP B 149 19.57 1.25 28.64
CA ASP B 149 20.98 1.04 28.26
C ASP B 149 20.66 0.03 27.12
N LEU B 150 20.96 0.37 25.89
CA LEU B 150 20.59 -0.52 24.76
C LEU B 150 21.27 -1.84 24.69
N ALA B 151 22.47 -2.07 25.16
CA ALA B 151 23.18 -3.35 25.19
C ALA B 151 22.60 -4.19 26.31
N ALA B 152 22.33 -3.55 27.45
CA ALA B 152 21.74 -4.22 28.62
C ALA B 152 20.35 -4.72 28.25
N ALA B 153 19.57 -3.94 27.50
CA ALA B 153 18.22 -4.37 27.06
C ALA B 153 18.31 -5.65 26.26
N LEU B 154 19.24 -5.81 25.33
CA LEU B 154 19.46 -6.99 24.50
C LEU B 154 19.99 -8.15 25.32
N ASP B 155 20.83 -7.91 26.30
CA ASP B 155 21.33 -8.90 27.25
C ASP B 155 20.16 -9.51 28.04
N ARG B 156 19.27 -8.63 28.55
CA ARG B 156 18.06 -9.01 29.30
C ARG B 156 17.10 -9.75 28.40
N MET B 157 16.95 -9.37 27.13
CA MET B 157 16.11 -10.08 26.15
C MET B 157 16.70 -11.46 25.95
N ARG B 158 18.01 -11.60 25.69
CA ARG B 158 18.68 -12.89 25.53
C ARG B 158 18.52 -13.82 26.73
N GLU B 159 18.71 -13.21 27.93
CA GLU B 159 18.56 -14.00 29.17
C GLU B 159 17.15 -14.56 29.25
N GLY B 160 16.08 -13.82 29.01
CA GLY B 160 14.77 -14.35 29.06
C GLY B 160 14.55 -15.49 28.08
N VAL B 161 14.87 -15.24 26.79
CA VAL B 161 14.62 -16.18 25.71
C VAL B 161 15.46 -17.42 25.92
N ASP B 162 16.73 -17.33 26.35
CA ASP B 162 17.58 -18.51 26.55
C ASP B 162 17.09 -19.24 27.78
N THR B 163 16.56 -18.58 28.84
CA THR B 163 16.06 -19.38 29.95
C THR B 163 14.88 -20.20 29.51
N ALA B 164 13.93 -19.63 28.81
CA ALA B 164 12.74 -20.28 28.29
C ALA B 164 13.08 -21.50 27.41
N ALA B 165 14.00 -21.36 26.50
CA ALA B 165 14.57 -22.29 25.55
C ALA B 165 15.23 -23.44 26.27
N GLY B 166 16.11 -23.13 27.23
CA GLY B 166 16.76 -24.17 28.07
C GLY B 166 15.72 -24.97 28.86
N TYR B 167 14.67 -24.26 29.35
CA TYR B 167 13.60 -24.98 30.07
C TYR B 167 12.92 -25.95 29.12
N ILE B 168 12.53 -25.61 27.89
CA ILE B 168 11.93 -26.56 26.95
C ILE B 168 12.78 -27.82 26.77
N LYS B 169 14.05 -27.58 26.46
CA LYS B 169 15.08 -28.57 26.24
C LYS B 169 15.18 -29.41 27.49
N ASP B 170 15.30 -28.80 28.67
CA ASP B 170 15.37 -29.56 29.93
C ASP B 170 14.21 -30.50 30.19
N LYS B 171 13.00 -30.14 29.83
CA LYS B 171 11.79 -30.86 30.06
C LYS B 171 11.42 -31.77 28.94
N GLY B 172 12.10 -31.65 27.82
CA GLY B 172 11.86 -32.40 26.62
C GLY B 172 10.52 -32.09 25.97
N TYR B 173 10.01 -30.84 26.03
CA TYR B 173 8.73 -30.55 25.38
C TYR B 173 9.08 -30.49 23.91
N ASN B 174 8.15 -30.83 23.07
CA ASN B 174 8.24 -30.80 21.59
C ASN B 174 7.64 -29.45 21.19
N LEU B 175 8.35 -28.37 21.45
CA LEU B 175 8.05 -27.00 21.28
C LEU B 175 9.22 -26.14 20.75
N ARG B 176 8.92 -25.21 19.90
CA ARG B 176 9.91 -24.26 19.39
C ARG B 176 9.42 -22.89 19.81
N ILE B 177 10.29 -21.94 19.97
CA ILE B 177 9.95 -20.53 20.28
C ILE B 177 9.91 -19.70 18.97
N ALA B 178 8.94 -18.84 18.79
CA ALA B 178 8.88 -17.99 17.63
C ALA B 178 8.82 -16.54 18.08
N LEU B 179 9.69 -15.64 17.72
CA LEU B 179 9.61 -14.22 18.10
C LEU B 179 8.77 -13.49 17.02
N GLU B 180 7.92 -12.60 17.54
CA GLU B 180 7.10 -11.81 16.68
C GLU B 180 7.51 -10.33 16.76
N PRO B 181 8.08 -9.92 15.61
CA PRO B 181 8.55 -8.53 15.43
C PRO B 181 7.40 -7.54 15.19
N LYS B 182 7.59 -6.31 15.61
CA LYS B 182 6.73 -5.16 15.50
C LYS B 182 7.65 -3.95 15.78
N PRO B 183 7.60 -2.98 14.86
CA PRO B 183 8.45 -1.78 14.88
C PRO B 183 8.16 -0.74 15.95
N ASN B 184 6.85 -0.53 16.17
CA ASN B 184 6.32 0.37 17.17
C ASN B 184 4.87 -0.05 17.51
N GLU B 185 4.37 0.63 18.56
CA GLU B 185 3.03 0.57 19.10
C GLU B 185 2.77 -0.76 19.78
N PRO B 186 2.56 -0.78 21.10
CA PRO B 186 2.42 0.35 22.00
C PRO B 186 3.57 1.24 22.40
N ARG B 187 4.79 0.77 22.18
CA ARG B 187 5.99 1.57 22.52
C ARG B 187 6.37 2.44 21.33
N GLY B 188 7.06 3.57 21.65
CA GLY B 188 7.49 4.47 20.54
C GLY B 188 8.38 3.70 19.61
N ASP B 189 9.36 2.93 20.07
CA ASP B 189 10.34 2.09 19.42
C ASP B 189 10.30 0.73 20.16
N ILE B 190 10.09 -0.34 19.46
CA ILE B 190 10.04 -1.67 20.12
C ILE B 190 11.39 -2.35 19.76
N PHE B 191 11.95 -3.13 20.60
CA PHE B 191 13.26 -3.76 20.30
C PHE B 191 12.97 -4.87 19.30
N LEU B 192 13.94 -5.20 18.43
CA LEU B 192 13.83 -6.20 17.34
C LEU B 192 12.59 -5.84 16.52
N PRO B 193 12.58 -4.68 15.89
CA PRO B 193 11.43 -4.22 15.18
C PRO B 193 11.07 -4.82 13.88
N THR B 194 11.89 -5.60 13.21
CA THR B 194 11.53 -6.14 11.90
C THR B 194 11.92 -7.56 11.83
N VAL B 195 11.58 -8.27 10.76
CA VAL B 195 12.04 -9.71 10.59
C VAL B 195 13.58 -9.72 10.67
N GLY B 196 14.30 -8.82 10.02
CA GLY B 196 15.71 -8.73 10.04
C GLY B 196 16.34 -8.75 11.43
N HIS B 197 15.95 -7.82 12.30
CA HIS B 197 16.43 -7.65 13.68
C HIS B 197 16.15 -8.88 14.49
N GLY B 198 15.00 -9.51 14.34
CA GLY B 198 14.65 -10.76 15.05
C GLY B 198 15.55 -11.90 14.59
N LEU B 199 15.82 -12.08 13.28
CA LEU B 199 16.70 -13.14 12.76
C LEU B 199 18.12 -13.02 13.29
N ALA B 200 18.63 -11.80 13.28
CA ALA B 200 19.96 -11.40 13.72
C ALA B 200 20.09 -11.71 15.20
N PHE B 201 19.14 -11.28 16.03
CA PHE B 201 19.05 -11.52 17.46
C PHE B 201 19.12 -13.00 17.82
N ILE B 202 18.41 -13.89 17.16
CA ILE B 202 18.41 -15.34 17.34
C ILE B 202 19.80 -15.91 17.20
N GLU B 203 20.67 -15.41 16.34
CA GLU B 203 22.02 -15.87 16.16
C GLU B 203 22.93 -15.57 17.30
N GLN B 204 22.61 -14.78 18.31
CA GLN B 204 23.33 -14.40 19.47
C GLN B 204 22.93 -15.23 20.71
N LEU B 205 21.97 -16.08 20.55
CA LEU B 205 21.44 -16.94 21.56
C LEU B 205 22.22 -18.23 21.69
N GLU B 206 22.18 -18.68 22.93
CA GLU B 206 22.79 -19.94 23.35
C GLU B 206 21.95 -21.07 22.75
N HIS B 207 20.62 -20.98 22.85
CA HIS B 207 19.64 -21.93 22.39
C HIS B 207 18.87 -21.56 21.16
N GLY B 208 19.43 -20.82 20.23
CA GLY B 208 18.92 -20.39 18.97
C GLY B 208 18.41 -21.46 18.10
N ASP B 209 18.80 -22.71 18.13
CA ASP B 209 18.38 -23.88 17.40
C ASP B 209 16.88 -24.13 17.54
N ILE B 210 16.23 -23.73 18.59
CA ILE B 210 14.79 -23.95 18.74
C ILE B 210 14.02 -22.64 18.70
N VAL B 211 14.65 -21.52 18.35
CA VAL B 211 14.08 -20.18 18.28
C VAL B 211 14.05 -19.72 16.82
N GLY B 212 12.87 -19.31 16.36
CA GLY B 212 12.64 -18.90 14.97
C GLY B 212 11.76 -17.67 14.97
N LEU B 213 11.04 -17.36 13.96
CA LEU B 213 10.22 -16.18 13.94
C LEU B 213 8.76 -16.48 13.59
N ASN B 214 8.00 -15.45 13.95
CA ASN B 214 6.56 -15.42 13.66
C ASN B 214 6.27 -14.03 13.05
N PRO B 215 6.59 -13.83 11.76
CA PRO B 215 6.35 -12.56 11.07
C PRO B 215 4.86 -12.25 10.94
N GLU B 216 4.43 -11.02 10.91
CA GLU B 216 3.07 -10.63 10.76
C GLU B 216 3.04 -9.64 9.60
N THR B 217 2.26 -9.82 8.57
CA THR B 217 2.10 -9.00 7.38
C THR B 217 2.10 -7.51 7.68
N GLY B 218 1.15 -7.00 8.45
CA GLY B 218 0.90 -5.69 8.92
C GLY B 218 2.05 -5.06 9.66
N HIS B 219 2.75 -5.87 10.46
CA HIS B 219 3.91 -5.43 11.23
C HIS B 219 5.07 -5.07 10.33
N GLU B 220 5.45 -5.87 9.37
CA GLU B 220 6.54 -5.40 8.47
C GLU B 220 6.09 -4.25 7.62
N GLN B 221 4.79 -4.20 7.20
CA GLN B 221 4.27 -3.06 6.44
C GLN B 221 4.21 -1.79 7.21
N MET B 222 4.26 -1.70 8.53
CA MET B 222 4.34 -0.54 9.39
C MET B 222 5.75 0.11 9.32
N ALA B 223 6.78 -0.58 8.82
CA ALA B 223 8.10 -0.04 8.59
C ALA B 223 8.30 0.18 7.08
N GLY B 224 7.27 -0.01 6.28
CA GLY B 224 7.09 0.08 4.86
C GLY B 224 7.84 -0.94 4.08
N LEU B 225 8.16 -2.11 4.68
CA LEU B 225 8.94 -3.18 4.09
C LEU B 225 8.10 -4.13 3.22
N ASN B 226 8.79 -4.88 2.39
CA ASN B 226 8.18 -5.85 1.50
C ASN B 226 8.12 -7.18 2.29
N PHE B 227 6.88 -7.53 2.62
CA PHE B 227 6.56 -8.71 3.43
C PHE B 227 6.99 -10.00 2.77
N THR B 228 6.84 -10.16 1.47
CA THR B 228 7.31 -11.35 0.74
C THR B 228 8.81 -11.49 0.76
N HIS B 229 9.51 -10.36 0.61
CA HIS B 229 10.97 -10.34 0.75
C HIS B 229 11.41 -10.81 2.14
N GLY B 230 10.77 -10.22 3.16
CA GLY B 230 11.02 -10.50 4.58
C GLY B 230 10.77 -11.94 4.91
N ILE B 231 9.61 -12.50 4.54
CA ILE B 231 9.39 -13.97 4.82
C ILE B 231 10.32 -14.92 4.07
N ALA B 232 10.74 -14.55 2.86
CA ALA B 232 11.67 -15.20 1.96
C ALA B 232 12.98 -15.36 2.69
N GLN B 233 13.49 -14.29 3.31
CA GLN B 233 14.74 -14.35 4.12
C GLN B 233 14.60 -15.21 5.39
N ALA B 234 13.41 -15.20 6.02
CA ALA B 234 13.16 -16.06 7.21
C ALA B 234 13.26 -17.52 6.76
N LEU B 235 12.52 -17.84 5.70
CA LEU B 235 12.46 -19.16 5.05
C LEU B 235 13.85 -19.65 4.67
N TRP B 236 14.53 -18.81 3.90
CA TRP B 236 15.90 -19.02 3.42
C TRP B 236 16.82 -19.36 4.58
N ALA B 237 16.74 -18.78 5.75
CA ALA B 237 17.44 -19.00 6.97
C ALA B 237 16.93 -20.20 7.74
N GLU B 238 15.86 -20.87 7.35
CA GLU B 238 15.26 -22.00 8.04
C GLU B 238 14.64 -21.56 9.37
N LYS B 239 14.06 -20.32 9.36
CA LYS B 239 13.53 -19.72 10.56
C LYS B 239 12.10 -19.32 10.51
N LEU B 240 11.37 -19.65 9.46
CA LEU B 240 9.93 -19.30 9.37
C LEU B 240 9.14 -20.42 10.05
N PHE B 241 8.97 -20.28 11.35
CA PHE B 241 8.31 -21.25 12.22
C PHE B 241 6.81 -21.10 12.32
N HIS B 242 6.33 -19.89 12.08
CA HIS B 242 4.87 -19.70 12.19
C HIS B 242 4.71 -18.40 11.43
N ILE B 243 3.44 -18.02 11.21
CA ILE B 243 3.14 -16.78 10.49
C ILE B 243 1.78 -16.22 10.91
N ASP B 244 1.71 -14.90 10.89
CA ASP B 244 0.46 -14.21 11.19
C ASP B 244 0.10 -13.49 9.88
N LEU B 245 -1.03 -13.78 9.33
CA LEU B 245 -1.63 -13.19 8.13
C LEU B 245 -2.80 -12.27 8.46
N ASN B 246 -2.79 -11.07 7.88
CA ASN B 246 -3.76 -9.99 8.03
C ASN B 246 -3.44 -8.92 6.95
N GLY B 247 -4.04 -7.77 7.15
CA GLY B 247 -3.92 -6.63 6.23
C GLY B 247 -3.68 -5.32 7.02
N GLN B 248 -3.02 -4.46 6.27
CA GLN B 248 -2.56 -3.15 6.72
C GLN B 248 -2.58 -2.26 5.48
N ARG B 249 -3.18 -1.09 5.55
CA ARG B 249 -3.17 -0.18 4.38
C ARG B 249 -2.20 0.92 4.78
N GLY B 250 -0.92 0.91 4.57
CA GLY B 250 -0.07 2.01 4.99
C GLY B 250 0.58 1.90 6.34
N ILE B 251 1.47 2.91 6.50
CA ILE B 251 2.31 3.14 7.70
C ILE B 251 1.44 4.02 8.60
N LYS B 252 0.84 3.40 9.58
CA LYS B 252 -0.07 4.01 10.58
C LYS B 252 -0.17 2.97 11.67
N TYR B 253 -1.09 3.11 12.59
CA TYR B 253 -1.34 2.18 13.69
C TYR B 253 -1.55 0.76 13.19
N ASP B 254 -1.32 -0.22 14.02
CA ASP B 254 -1.53 -1.64 13.59
C ASP B 254 -3.04 -1.79 13.28
N GLN B 255 -3.43 -1.98 12.03
CA GLN B 255 -4.86 -2.13 11.68
C GLN B 255 -5.40 -3.54 11.85
N ASP B 256 -4.66 -4.60 11.58
CA ASP B 256 -5.00 -6.02 11.66
C ASP B 256 -6.30 -6.29 10.89
N LEU B 257 -6.35 -5.87 9.63
CA LEU B 257 -7.53 -6.08 8.79
C LEU B 257 -7.54 -7.53 8.35
N VAL B 258 -8.61 -7.91 7.67
CA VAL B 258 -8.68 -9.30 7.16
C VAL B 258 -7.52 -9.44 6.12
N PHE B 259 -7.01 -10.67 6.02
CA PHE B 259 -5.99 -10.95 5.04
C PHE B 259 -6.57 -10.71 3.65
N GLY B 260 -5.91 -9.92 2.82
CA GLY B 260 -6.30 -9.51 1.51
C GLY B 260 -7.00 -8.18 1.49
N HIS B 261 -7.35 -7.56 2.62
CA HIS B 261 -8.02 -6.25 2.69
C HIS B 261 -7.05 -5.08 2.89
N GLY B 262 -5.77 -5.36 2.88
CA GLY B 262 -4.67 -4.41 2.94
C GLY B 262 -4.10 -4.38 1.48
N ASP B 263 -2.80 -4.55 1.37
CA ASP B 263 -2.05 -4.60 0.10
C ASP B 263 -2.28 -5.94 -0.61
N LEU B 264 -3.22 -5.91 -1.54
CA LEU B 264 -3.69 -7.04 -2.30
C LEU B 264 -2.70 -7.75 -3.20
N THR B 265 -1.89 -6.98 -3.90
CA THR B 265 -0.87 -7.52 -4.82
C THR B 265 0.13 -8.22 -3.99
N SER B 266 0.58 -7.57 -2.89
CA SER B 266 1.53 -8.16 -1.93
C SER B 266 0.99 -9.43 -1.31
N ALA B 267 -0.29 -9.49 -0.92
CA ALA B 267 -0.99 -10.67 -0.39
C ALA B 267 -0.95 -11.81 -1.41
N PHE B 268 -1.21 -11.50 -2.69
CA PHE B 268 -1.11 -12.48 -3.77
C PHE B 268 0.27 -13.11 -3.83
N PHE B 269 1.35 -12.35 -3.81
CA PHE B 269 2.73 -12.91 -3.81
C PHE B 269 3.09 -13.61 -2.53
N THR B 270 2.51 -13.27 -1.40
CA THR B 270 2.72 -13.93 -0.09
C THR B 270 2.13 -15.34 -0.23
N VAL B 271 0.89 -15.44 -0.75
CA VAL B 271 0.19 -16.71 -1.00
C VAL B 271 1.01 -17.55 -2.00
N ASP B 272 1.50 -17.02 -3.10
CA ASP B 272 2.36 -17.69 -4.04
C ASP B 272 3.59 -18.19 -3.29
N LEU B 273 4.30 -17.47 -2.44
CA LEU B 273 5.45 -18.04 -1.74
C LEU B 273 5.05 -19.14 -0.77
N LEU B 274 3.96 -19.02 -0.03
CA LEU B 274 3.52 -20.01 0.96
C LEU B 274 3.02 -21.31 0.31
N GLU B 275 2.17 -21.10 -0.68
CA GLU B 275 1.65 -22.27 -1.38
C GLU B 275 2.60 -22.91 -2.35
N ASN B 276 3.22 -22.15 -3.21
CA ASN B 276 4.09 -22.55 -4.28
C ASN B 276 5.56 -22.57 -3.97
N GLY B 277 6.07 -21.79 -3.04
CA GLY B 277 7.52 -21.84 -2.76
C GLY B 277 8.28 -21.06 -3.80
N PHE B 278 9.52 -21.45 -4.06
CA PHE B 278 10.34 -20.70 -5.03
C PHE B 278 10.39 -21.27 -6.42
N PRO B 279 10.41 -20.38 -7.47
CA PRO B 279 10.49 -20.82 -8.88
C PRO B 279 11.59 -21.77 -9.25
N ASN B 280 12.76 -21.74 -8.68
CA ASN B 280 13.87 -22.63 -8.90
C ASN B 280 13.85 -23.72 -7.82
N GLY B 281 12.86 -23.84 -6.95
CA GLY B 281 12.91 -24.91 -5.94
C GLY B 281 13.66 -24.41 -4.73
N GLY B 282 13.41 -24.96 -3.58
CA GLY B 282 14.09 -24.49 -2.33
C GLY B 282 13.16 -24.89 -1.20
N PRO B 283 13.25 -24.15 -0.11
CA PRO B 283 12.46 -24.44 1.10
C PRO B 283 11.03 -24.11 0.91
N LYS B 284 10.16 -24.71 1.71
CA LYS B 284 8.70 -24.56 1.69
C LYS B 284 8.28 -24.38 3.17
N TYR B 285 7.31 -23.56 3.41
CA TYR B 285 6.77 -23.30 4.73
C TYR B 285 5.56 -24.26 4.82
N THR B 286 5.61 -25.10 5.77
CA THR B 286 4.55 -26.10 5.97
C THR B 286 3.78 -25.96 7.24
N GLY B 287 3.81 -24.85 7.93
CA GLY B 287 3.10 -24.73 9.21
C GLY B 287 1.70 -24.23 8.99
N PRO B 288 1.07 -23.84 10.10
CA PRO B 288 -0.29 -23.30 10.04
C PRO B 288 -0.30 -21.90 9.44
N ARG B 289 -1.43 -21.59 8.82
CA ARG B 289 -1.81 -20.36 8.18
C ARG B 289 -2.71 -19.72 9.26
N HIS B 290 -2.09 -18.90 10.09
CA HIS B 290 -2.76 -18.26 11.23
C HIS B 290 -3.13 -16.85 10.91
N PHE B 291 -4.38 -16.52 11.21
CA PHE B 291 -4.88 -15.17 10.98
C PHE B 291 -4.89 -14.38 12.29
N ASP B 292 -4.05 -13.35 12.37
CA ASP B 292 -4.03 -12.45 13.52
C ASP B 292 -4.72 -11.14 13.04
N TYR B 293 -6.03 -11.05 13.07
CA TYR B 293 -6.76 -9.89 12.63
C TYR B 293 -7.77 -9.48 13.71
N LYS B 294 -8.38 -8.32 13.47
CA LYS B 294 -9.39 -7.80 14.36
C LYS B 294 -10.59 -7.35 13.50
N PRO B 295 -11.74 -7.91 13.86
CA PRO B 295 -12.99 -7.59 13.16
C PRO B 295 -13.35 -6.13 13.46
N SER B 296 -13.55 -5.34 12.43
CA SER B 296 -13.90 -3.91 12.50
C SER B 296 -14.99 -3.69 13.53
N ARG B 297 -14.80 -2.65 14.33
CA ARG B 297 -15.62 -2.27 15.49
C ARG B 297 -16.98 -1.72 15.14
N THR B 298 -17.19 -1.26 13.94
CA THR B 298 -18.43 -0.81 13.37
C THR B 298 -19.40 -1.97 13.13
N ASP B 299 -18.98 -3.20 13.00
CA ASP B 299 -19.70 -4.43 12.73
C ASP B 299 -20.06 -5.20 13.99
N GLY B 300 -21.20 -5.88 13.91
CA GLY B 300 -21.62 -6.70 15.10
C GLY B 300 -21.10 -8.08 14.86
N TYR B 301 -21.61 -9.02 15.63
CA TYR B 301 -21.27 -10.41 15.60
C TYR B 301 -21.44 -11.10 14.30
N ASP B 302 -22.35 -10.75 13.41
CA ASP B 302 -22.47 -11.37 12.08
C ASP B 302 -21.26 -10.95 11.24
N GLY B 303 -20.76 -9.74 11.44
CA GLY B 303 -19.53 -9.25 10.87
C GLY B 303 -18.36 -10.07 11.43
N VAL B 304 -18.27 -10.36 12.71
CA VAL B 304 -17.21 -11.21 13.29
C VAL B 304 -17.10 -12.50 12.50
N TRP B 305 -18.12 -13.32 12.47
CA TRP B 305 -18.18 -14.60 11.72
C TRP B 305 -18.01 -14.35 10.25
N ASP B 306 -18.53 -13.32 9.65
CA ASP B 306 -18.26 -13.02 8.23
C ASP B 306 -16.74 -12.82 7.97
N SER B 307 -16.13 -12.02 8.84
CA SER B 307 -14.71 -11.67 8.80
C SER B 307 -13.84 -12.88 8.96
N ALA B 308 -14.13 -13.85 9.83
CA ALA B 308 -13.41 -15.12 9.99
C ALA B 308 -13.45 -15.91 8.67
N LYS B 309 -14.57 -16.04 7.99
CA LYS B 309 -14.83 -16.67 6.72
C LYS B 309 -14.02 -16.08 5.55
N ALA B 310 -14.05 -14.75 5.49
CA ALA B 310 -13.45 -13.83 4.56
C ALA B 310 -11.93 -14.02 4.60
N ASN B 311 -11.28 -14.22 5.73
CA ASN B 311 -9.86 -14.52 5.82
C ASN B 311 -9.49 -15.77 5.02
N MET B 312 -10.27 -16.83 5.19
CA MET B 312 -10.14 -18.15 4.54
C MET B 312 -10.51 -18.07 3.07
N SER B 313 -11.58 -17.36 2.68
CA SER B 313 -11.99 -17.16 1.28
C SER B 313 -10.90 -16.43 0.49
N MET B 314 -10.36 -15.35 1.02
CA MET B 314 -9.32 -14.52 0.47
C MET B 314 -8.10 -15.35 0.17
N TYR B 315 -7.65 -16.08 1.22
CA TYR B 315 -6.50 -16.97 1.04
C TYR B 315 -6.78 -18.03 -0.03
N LEU B 316 -7.98 -18.63 -0.12
CA LEU B 316 -8.27 -19.67 -1.13
C LEU B 316 -8.46 -19.03 -2.50
N LEU B 317 -9.03 -17.86 -2.64
CA LEU B 317 -9.17 -17.18 -3.92
C LEU B 317 -7.81 -16.85 -4.52
N LEU B 318 -6.89 -16.31 -3.71
CA LEU B 318 -5.54 -15.98 -4.14
C LEU B 318 -4.71 -17.22 -4.44
N LYS B 319 -4.85 -18.29 -3.71
CA LYS B 319 -4.20 -19.58 -3.90
C LYS B 319 -4.47 -20.12 -5.32
N GLU B 320 -5.71 -20.12 -5.73
CA GLU B 320 -6.31 -20.44 -7.00
C GLU B 320 -5.69 -19.68 -8.17
N ARG B 321 -5.70 -18.35 -8.05
CA ARG B 321 -5.09 -17.41 -8.99
C ARG B 321 -3.58 -17.60 -9.03
N ALA B 322 -2.87 -17.83 -7.96
CA ALA B 322 -1.47 -18.06 -7.92
C ALA B 322 -1.10 -19.41 -8.56
N LEU B 323 -1.94 -20.45 -8.50
CA LEU B 323 -1.75 -21.74 -9.12
C LEU B 323 -1.94 -21.60 -10.64
N ALA B 324 -2.94 -20.87 -11.08
CA ALA B 324 -3.20 -20.62 -12.49
C ALA B 324 -2.07 -19.82 -13.12
N PHE B 325 -1.62 -18.81 -12.45
CA PHE B 325 -0.53 -17.91 -12.80
C PHE B 325 0.75 -18.68 -13.09
N ARG B 326 1.19 -19.53 -12.19
CA ARG B 326 2.42 -20.28 -12.33
C ARG B 326 2.32 -21.39 -13.33
N ALA B 327 1.14 -21.98 -13.49
CA ALA B 327 0.87 -23.05 -14.41
C ALA B 327 0.80 -22.49 -15.82
N ASP B 328 0.49 -21.25 -16.04
CA ASP B 328 0.37 -20.60 -17.34
C ASP B 328 1.69 -20.57 -18.10
N PRO B 329 1.61 -21.19 -19.29
CA PRO B 329 2.77 -21.29 -20.20
C PRO B 329 3.20 -19.94 -20.71
N GLU B 330 2.38 -18.95 -20.87
CA GLU B 330 2.75 -17.59 -21.24
C GLU B 330 3.64 -17.02 -20.11
N VAL B 331 3.30 -17.23 -18.83
CA VAL B 331 4.00 -16.78 -17.65
C VAL B 331 5.36 -17.45 -17.51
N GLN B 332 5.40 -18.73 -17.73
CA GLN B 332 6.64 -19.54 -17.66
C GLN B 332 7.66 -19.02 -18.66
N GLU B 333 7.28 -18.72 -19.88
CA GLU B 333 8.04 -18.11 -20.97
C GLU B 333 8.44 -16.67 -20.62
N ALA B 334 7.56 -15.82 -20.07
CA ALA B 334 7.80 -14.48 -19.58
C ALA B 334 8.90 -14.57 -18.49
N MET B 335 8.83 -15.50 -17.55
CA MET B 335 9.77 -15.78 -16.50
C MET B 335 11.18 -16.08 -17.00
N LYS B 336 11.28 -16.90 -18.02
CA LYS B 336 12.47 -17.35 -18.74
C LYS B 336 13.10 -16.16 -19.42
N THR B 337 12.38 -15.32 -20.14
CA THR B 337 12.86 -14.09 -20.77
C THR B 337 13.45 -13.09 -19.75
N SER B 338 12.82 -12.90 -18.59
CA SER B 338 13.19 -12.05 -17.49
C SER B 338 14.38 -12.56 -16.68
N GLY B 339 14.85 -13.78 -16.87
CA GLY B 339 15.97 -14.35 -16.16
C GLY B 339 15.68 -14.91 -14.80
N VAL B 340 14.43 -15.17 -14.47
CA VAL B 340 14.04 -15.73 -13.16
C VAL B 340 14.74 -17.04 -12.84
N PHE B 341 14.84 -17.94 -13.81
CA PHE B 341 15.48 -19.25 -13.74
C PHE B 341 16.97 -19.03 -13.78
N GLU B 342 17.44 -18.11 -14.59
CA GLU B 342 18.87 -17.76 -14.72
C GLU B 342 19.47 -17.32 -13.44
N LEU B 343 18.74 -16.62 -12.54
CA LEU B 343 19.21 -16.26 -11.21
C LEU B 343 19.64 -17.44 -10.36
N GLY B 344 19.10 -18.64 -10.54
CA GLY B 344 19.30 -19.90 -10.01
C GLY B 344 20.63 -20.48 -10.38
N GLU B 345 21.27 -20.08 -11.47
CA GLU B 345 22.59 -20.67 -11.81
C GLU B 345 23.64 -19.98 -10.95
N THR B 346 24.62 -20.72 -10.51
CA THR B 346 25.66 -20.08 -9.69
C THR B 346 26.40 -19.14 -10.64
N THR B 347 27.02 -18.12 -10.05
CA THR B 347 27.79 -17.13 -10.78
C THR B 347 29.10 -17.75 -11.27
N LEU B 348 29.75 -18.48 -10.38
CA LEU B 348 31.03 -19.12 -10.71
C LEU B 348 30.76 -20.49 -11.32
N ASN B 349 31.68 -20.94 -12.15
CA ASN B 349 31.55 -22.32 -12.73
C ASN B 349 32.07 -23.29 -11.65
N ALA B 350 31.59 -24.52 -11.75
CA ALA B 350 32.00 -25.58 -10.77
C ALA B 350 33.53 -25.56 -10.81
N GLY B 351 34.18 -25.44 -9.68
CA GLY B 351 35.60 -25.33 -9.59
C GLY B 351 36.22 -23.98 -9.80
N GLU B 352 35.62 -23.02 -10.44
CA GLU B 352 36.31 -21.72 -10.65
C GLU B 352 36.62 -21.06 -9.34
N SER B 353 37.77 -20.41 -9.18
CA SER B 353 38.10 -19.71 -7.93
C SER B 353 37.94 -18.20 -8.21
N ALA B 354 38.06 -17.43 -7.15
CA ALA B 354 38.05 -15.97 -7.17
C ALA B 354 39.21 -15.56 -8.10
N ALA B 355 40.43 -16.03 -7.95
CA ALA B 355 41.51 -15.70 -8.89
C ALA B 355 41.16 -16.32 -10.25
N ASP B 356 40.68 -17.53 -10.39
CA ASP B 356 40.29 -17.99 -11.74
C ASP B 356 39.35 -17.01 -12.41
N LEU B 357 38.20 -16.38 -12.15
CA LEU B 357 37.27 -15.45 -12.79
C LEU B 357 37.86 -14.07 -12.99
N MET B 358 38.68 -13.52 -12.13
CA MET B 358 39.25 -12.17 -12.24
C MET B 358 40.03 -11.91 -13.55
N ASN B 359 40.83 -12.88 -13.83
CA ASN B 359 41.80 -13.40 -14.75
C ASN B 359 41.13 -13.98 -15.99
N ASP B 360 39.84 -14.27 -15.96
CA ASP B 360 39.03 -14.68 -17.12
C ASP B 360 38.62 -13.38 -17.85
N SER B 361 39.38 -13.07 -18.89
CA SER B 361 39.29 -11.99 -19.84
C SER B 361 37.87 -11.71 -20.33
N ALA B 362 36.50 -12.71 -20.71
CA ALA B 362 35.28 -13.22 -21.06
C ALA B 362 34.49 -12.46 -19.98
N SER B 363 34.88 -12.50 -18.72
CA SER B 363 33.98 -11.77 -17.79
C SER B 363 34.34 -10.44 -17.21
N PHE B 364 35.51 -9.91 -17.59
CA PHE B 364 35.96 -8.60 -17.08
C PHE B 364 36.62 -7.69 -18.11
N ALA B 365 37.92 -7.84 -18.36
CA ALA B 365 38.68 -7.02 -19.28
C ALA B 365 38.04 -6.87 -20.66
N GLY B 366 37.64 -7.96 -21.30
CA GLY B 366 37.02 -7.89 -22.61
C GLY B 366 35.55 -8.14 -22.63
N PHE B 367 34.80 -7.77 -21.61
CA PHE B 367 33.36 -7.97 -21.51
C PHE B 367 32.65 -6.80 -22.15
N ASP B 368 31.60 -7.10 -22.88
CA ASP B 368 30.95 -5.88 -23.48
C ASP B 368 29.75 -5.47 -22.61
N ALA B 369 30.05 -4.55 -21.71
CA ALA B 369 29.13 -3.97 -20.73
C ALA B 369 28.04 -3.19 -21.46
N GLU B 370 28.42 -2.39 -22.45
CA GLU B 370 27.48 -1.64 -23.28
C GLU B 370 26.64 -2.66 -23.99
N ALA B 371 27.11 -3.77 -24.56
CA ALA B 371 26.18 -4.71 -25.18
C ALA B 371 25.22 -5.33 -24.16
N ALA B 372 25.74 -5.83 -23.03
CA ALA B 372 25.01 -6.50 -21.95
C ALA B 372 23.93 -5.62 -21.42
N ALA B 373 24.08 -4.29 -21.28
CA ALA B 373 23.07 -3.32 -20.85
C ALA B 373 21.88 -3.20 -21.72
N GLU B 374 21.79 -3.76 -22.92
CA GLU B 374 20.66 -3.62 -23.86
C GLU B 374 19.51 -4.55 -23.53
N ARG B 375 19.84 -5.61 -22.80
CA ARG B 375 18.85 -6.58 -22.40
C ARG B 375 17.57 -5.96 -21.89
N ASN B 376 16.51 -6.40 -22.51
CA ASN B 376 15.16 -5.97 -22.10
C ASN B 376 14.80 -7.08 -21.07
N PHE B 377 14.83 -6.76 -19.77
CA PHE B 377 14.43 -7.73 -18.73
C PHE B 377 12.94 -8.00 -18.80
N ALA B 378 12.09 -7.08 -19.29
CA ALA B 378 10.67 -7.32 -19.43
C ALA B 378 10.01 -7.66 -18.12
N PHE B 379 10.38 -6.95 -17.04
CA PHE B 379 9.82 -7.05 -15.68
C PHE B 379 8.42 -6.45 -15.64
N ILE B 380 8.09 -5.41 -16.41
CA ILE B 380 6.78 -4.78 -16.47
C ILE B 380 5.80 -5.77 -17.04
N ARG B 381 6.10 -6.36 -18.17
CA ARG B 381 5.30 -7.37 -18.86
C ARG B 381 4.98 -8.52 -17.91
N LEU B 382 5.98 -9.09 -17.27
CA LEU B 382 5.87 -10.13 -16.27
C LEU B 382 5.00 -9.66 -15.09
N ASN B 383 5.05 -8.38 -14.66
CA ASN B 383 4.17 -7.94 -13.57
C ASN B 383 2.73 -7.84 -14.08
N GLN B 384 2.49 -7.40 -15.30
CA GLN B 384 1.24 -7.32 -15.97
C GLN B 384 0.59 -8.70 -16.05
N LEU B 385 1.25 -9.78 -16.31
CA LEU B 385 0.72 -11.15 -16.36
C LEU B 385 0.25 -11.56 -14.97
N ALA B 386 1.02 -11.23 -13.91
CA ALA B 386 0.61 -11.57 -12.55
C ALA B 386 -0.70 -10.88 -12.21
N ILE B 387 -0.77 -9.55 -12.42
CA ILE B 387 -1.99 -8.75 -12.12
C ILE B 387 -3.17 -9.31 -12.89
N GLU B 388 -3.07 -9.58 -14.17
CA GLU B 388 -4.10 -10.20 -14.96
C GLU B 388 -4.53 -11.57 -14.45
N HIS B 389 -3.70 -12.40 -13.88
CA HIS B 389 -4.03 -13.67 -13.26
C HIS B 389 -4.76 -13.37 -11.94
N LEU B 390 -4.30 -12.37 -11.22
CA LEU B 390 -4.93 -11.91 -9.99
C LEU B 390 -6.33 -11.35 -10.19
N LEU B 391 -6.62 -10.63 -11.27
CA LEU B 391 -7.90 -10.06 -11.61
C LEU B 391 -8.81 -11.10 -12.18
N GLY B 392 -8.50 -12.33 -12.40
CA GLY B 392 -9.15 -13.45 -12.90
C GLY B 392 -9.43 -13.27 -14.38
N SER B 393 -8.66 -12.52 -15.07
CA SER B 393 -8.66 -12.07 -16.41
C SER B 393 -8.08 -13.14 -17.32
N ARG B 394 -7.10 -13.92 -16.94
CA ARG B 394 -6.53 -14.96 -17.78
C ARG B 394 -7.16 -16.32 -17.53
C1 GLT C . 7.15 16.60 -13.89
C2 GLT C . 6.59 15.78 -12.75
C3 GLT C . 5.21 15.22 -12.80
C4 GLT C . 4.12 16.07 -13.38
C5 GLT C . 4.43 16.83 -14.64
C6 GLT C . 3.28 17.68 -15.09
S5 GLT C . 5.92 17.90 -14.36
O1 GLT C . 7.39 15.86 -15.05
O2 GLT C . 7.53 14.90 -12.10
O3 GLT C . 4.57 14.40 -11.76
O4 GLT C . 2.92 15.36 -13.51
O6 GLT C . 3.63 19.03 -15.28
MN MN D . 4.90 11.16 -9.83
MN MN E . 2.24 13.90 -12.46
C1 GLT F . -0.72 -9.31 20.85
C2 GLT F . -0.39 -8.70 19.53
C3 GLT F . -0.16 -9.55 18.30
C4 GLT F . 0.67 -10.79 18.46
C5 GLT F . 0.28 -11.70 19.62
C6 GLT F . 1.36 -12.74 19.78
S5 GLT F . 0.34 -10.73 21.14
O1 GLT F . -2.06 -9.81 21.01
O2 GLT F . -1.04 -7.49 19.25
O3 GLT F . 0.25 -8.92 17.09
O4 GLT F . 0.49 -11.71 17.32
O6 GLT F . 1.14 -13.41 20.99
MN MN G . -0.84 -6.57 14.36
MN MN H . 0.45 -10.90 15.42
#